data_7YKC
#
_entry.id   7YKC
#
_cell.length_a   73.680
_cell.length_b   95.561
_cell.length_c   105.785
_cell.angle_alpha   90.00
_cell.angle_beta   90.00
_cell.angle_gamma   90.00
#
_symmetry.space_group_name_H-M   'P 2 21 21'
#
_entity_poly.entity_id   1
_entity_poly.type   'polypeptide(L)'
_entity_poly.pdbx_seq_one_letter_code
;MFIKNDHAGDRKRLEDWRIKGYDPLTPPDLLQHEFPISAKGEENIIKARDSVCDILNGKDDRLVIVIGPCSLHDPKAAYD
YADRLAKISEKLSKDLLIIMRAYLEKPRTTVGWKGLINDPDMNNSFQINKGLRISREMFIKLVEKLPIAGEMLDTISPQF
LSDCFSLGAIGARTTESQLHRELASGLSFPIGFKNGTDGGLQVAIDAMRAAAHEHYFLSVTKPGVTAIVGTEGNKDTFLI
LRGGKNGTNFDKESVQNTKKQLEKAGLTDDSQKRIMIDCSHGNSNKDFKNQPKVAKCIYDQLTEGENSLCGVMIESNINE
GRQDIPKEGGREGLKYGCSVTDACIGWESTEQVLELLAEGVRNRRKALKK
;
_entity_poly.pdbx_strand_id   A,B
#
# COMPACT_ATOMS: atom_id res chain seq x y z
N MET A 1 18.64 11.59 -16.63
CA MET A 1 18.88 10.28 -16.04
C MET A 1 20.27 9.81 -16.36
N PHE A 2 20.94 9.30 -15.36
CA PHE A 2 22.28 8.75 -15.57
C PHE A 2 22.23 7.58 -16.57
N ILE A 3 21.56 6.50 -16.23
CA ILE A 3 21.30 5.36 -17.09
C ILE A 3 20.00 5.63 -17.83
N LYS A 4 19.90 5.23 -19.11
CA LYS A 4 18.72 5.56 -19.92
C LYS A 4 18.26 4.34 -20.69
N ASN A 5 17.02 3.91 -20.44
CA ASN A 5 16.47 2.84 -21.25
C ASN A 5 16.50 3.44 -22.62
N ASP A 6 17.28 2.84 -23.48
CA ASP A 6 17.39 3.31 -24.84
C ASP A 6 16.32 2.66 -25.66
N HIS A 7 15.50 1.81 -25.04
CA HIS A 7 14.40 1.13 -25.69
C HIS A 7 13.03 1.62 -25.15
N ALA A 8 12.97 2.81 -24.55
CA ALA A 8 11.72 3.23 -23.87
C ALA A 8 10.70 3.58 -24.94
N GLY A 9 9.88 2.59 -25.32
CA GLY A 9 8.77 2.87 -26.18
C GLY A 9 8.55 1.66 -27.05
N ASP A 10 9.63 0.96 -27.37
CA ASP A 10 9.55 -0.23 -28.28
C ASP A 10 8.80 -1.16 -27.34
N ARG A 11 7.53 -1.34 -27.64
CA ARG A 11 6.79 -2.25 -26.84
C ARG A 11 7.11 -3.48 -27.65
N LYS A 12 8.39 -3.83 -27.69
CA LYS A 12 8.82 -5.05 -28.37
C LYS A 12 9.70 -6.04 -27.59
N ARG A 13 10.17 -5.59 -26.45
CA ARG A 13 11.00 -6.31 -25.50
C ARG A 13 10.16 -6.85 -24.38
N LEU A 14 10.67 -7.90 -23.74
CA LEU A 14 9.97 -8.45 -22.57
C LEU A 14 9.56 -7.41 -21.55
N GLU A 15 10.46 -6.48 -21.22
CA GLU A 15 10.24 -5.61 -20.07
C GLU A 15 11.05 -4.33 -20.25
N ASP A 16 10.76 -3.38 -19.36
CA ASP A 16 11.46 -2.11 -19.14
C ASP A 16 11.16 -1.06 -20.19
N TRP A 17 10.31 -1.32 -21.16
CA TRP A 17 10.02 -0.22 -22.10
C TRP A 17 9.07 0.84 -21.51
N ARG A 18 8.64 0.76 -20.25
CA ARG A 18 8.04 1.92 -19.60
C ARG A 18 8.93 2.54 -18.56
N ILE A 19 10.19 2.10 -18.48
CA ILE A 19 11.14 2.66 -17.52
C ILE A 19 12.11 3.60 -18.25
N LYS A 20 12.23 4.82 -17.75
CA LYS A 20 13.13 5.80 -18.39
C LYS A 20 14.58 5.40 -18.28
N GLY A 21 14.87 4.57 -17.29
CA GLY A 21 16.20 4.44 -16.75
C GLY A 21 16.25 4.98 -15.34
N TYR A 22 17.41 4.84 -14.78
CA TYR A 22 17.56 4.97 -13.36
C TYR A 22 18.63 6.02 -13.06
N ASP A 23 18.83 6.30 -11.76
CA ASP A 23 19.77 7.29 -11.23
C ASP A 23 20.47 6.66 -10.03
N PRO A 24 21.78 6.84 -9.85
CA PRO A 24 22.48 6.23 -8.70
C PRO A 24 21.93 6.73 -7.38
N LEU A 25 22.22 5.98 -6.30
CA LEU A 25 21.66 6.28 -4.99
C LEU A 25 22.70 6.10 -3.88
N THR A 26 22.83 7.06 -2.95
CA THR A 26 23.70 6.86 -1.75
C THR A 26 23.15 5.72 -0.88
N PRO A 27 23.90 4.65 -0.66
CA PRO A 27 23.38 3.55 0.16
C PRO A 27 23.14 4.04 1.57
N PRO A 28 22.23 3.36 2.33
CA PRO A 28 21.94 3.78 3.72
C PRO A 28 23.11 3.67 4.68
N ASP A 29 24.04 2.74 4.43
CA ASP A 29 25.20 2.61 5.30
C ASP A 29 25.93 3.94 5.28
N LEU A 30 26.17 4.42 4.07
CA LEU A 30 26.88 5.68 3.90
C LEU A 30 26.21 6.88 4.50
N LEU A 31 24.90 6.95 4.37
CA LEU A 31 24.19 8.09 4.89
C LEU A 31 24.06 7.98 6.41
N GLN A 32 24.16 6.76 6.93
CA GLN A 32 24.20 6.57 8.36
C GLN A 32 25.56 6.93 8.91
N HIS A 33 26.57 7.01 8.04
CA HIS A 33 27.94 7.42 8.38
C HIS A 33 28.15 8.93 8.20
N GLU A 34 27.74 9.49 7.08
CA GLU A 34 28.09 10.88 6.85
C GLU A 34 27.49 11.75 7.93
N PHE A 35 26.27 11.40 8.34
CA PHE A 35 25.46 12.09 9.34
C PHE A 35 25.23 11.03 10.41
N PRO A 36 25.96 11.05 11.47
CA PRO A 36 25.65 10.14 12.56
C PRO A 36 24.75 10.91 13.51
N ILE A 37 24.15 10.18 14.43
CA ILE A 37 23.25 10.75 15.40
C ILE A 37 24.09 10.93 16.65
N SER A 38 24.32 12.18 17.05
CA SER A 38 25.10 12.46 18.20
C SER A 38 24.55 11.70 19.46
N ALA A 39 25.36 11.51 20.47
CA ALA A 39 24.89 10.75 21.63
C ALA A 39 23.71 11.36 22.34
N LYS A 40 23.61 12.70 22.30
CA LYS A 40 22.44 13.35 22.86
C LYS A 40 21.17 13.01 22.07
N GLY A 41 21.25 13.04 20.75
CA GLY A 41 20.11 12.63 19.95
C GLY A 41 19.74 11.19 20.20
N GLU A 42 20.74 10.33 20.36
CA GLU A 42 20.49 8.94 20.71
C GLU A 42 19.67 8.88 21.98
N GLU A 43 20.12 9.64 22.99
CA GLU A 43 19.45 9.60 24.28
C GLU A 43 18.01 10.05 24.18
N ASN A 44 17.78 11.22 23.58
CA ASN A 44 16.42 11.71 23.39
C ASN A 44 15.56 10.68 22.68
N ILE A 45 16.04 10.15 21.55
CA ILE A 45 15.23 9.21 20.76
C ILE A 45 14.82 8.00 21.59
N ILE A 46 15.75 7.44 22.36
CA ILE A 46 15.36 6.18 23.01
C ILE A 46 14.55 6.44 24.27
N LYS A 47 14.85 7.53 24.99
CA LYS A 47 14.05 7.86 26.17
C LYS A 47 12.63 8.07 25.76
N ALA A 48 12.41 8.83 24.69
CA ALA A 48 11.09 8.99 24.12
C ALA A 48 10.44 7.66 23.75
N ARG A 49 11.14 6.81 23.02
CA ARG A 49 10.51 5.55 22.65
C ARG A 49 10.02 4.80 23.88
N ASP A 50 10.83 4.76 24.93
CA ASP A 50 10.43 3.99 26.09
C ASP A 50 9.29 4.68 26.83
N SER A 51 9.28 6.01 26.80
CA SER A 51 8.18 6.80 27.33
C SER A 51 6.89 6.46 26.61
N VAL A 52 6.94 6.38 25.31
CA VAL A 52 5.72 6.06 24.60
C VAL A 52 5.31 4.61 24.86
N CYS A 53 6.28 3.71 25.05
CA CYS A 53 5.98 2.31 25.40
C CYS A 53 5.42 2.16 26.78
N ASP A 54 5.77 3.08 27.68
CA ASP A 54 5.10 3.20 28.96
C ASP A 54 3.67 3.69 28.82
N ILE A 55 3.48 4.84 28.17
CA ILE A 55 2.14 5.37 28.01
C ILE A 55 1.23 4.30 27.43
N LEU A 56 1.79 3.47 26.55
CA LEU A 56 0.97 2.47 25.87
C LEU A 56 0.61 1.33 26.78
N ASN A 57 1.37 1.12 27.82
CA ASN A 57 1.03 0.04 28.72
C ASN A 57 0.32 0.54 29.98
N GLY A 58 -0.07 1.81 30.00
CA GLY A 58 -0.69 2.45 31.13
C GLY A 58 0.25 2.87 32.25
N LYS A 59 1.54 2.50 32.17
CA LYS A 59 2.46 2.83 33.25
C LYS A 59 2.61 4.33 33.39
N ASP A 60 2.47 5.06 32.29
CA ASP A 60 2.42 6.51 32.35
C ASP A 60 0.98 7.02 32.29
N ASP A 61 0.70 8.06 33.09
CA ASP A 61 -0.59 8.73 33.10
C ASP A 61 -0.60 10.03 32.28
N ARG A 62 0.47 10.32 31.54
CA ARG A 62 0.51 11.51 30.64
C ARG A 62 -0.01 11.12 29.28
N LEU A 63 0.11 12.07 28.34
CA LEU A 63 -0.58 12.04 27.07
C LEU A 63 0.40 12.33 25.95
N VAL A 64 0.43 11.45 24.94
CA VAL A 64 1.30 11.60 23.77
C VAL A 64 0.63 12.61 22.83
N ILE A 65 1.39 13.63 22.46
CA ILE A 65 0.87 14.66 21.57
C ILE A 65 1.86 14.74 20.43
N VAL A 66 1.44 14.31 19.26
CA VAL A 66 2.28 14.32 18.06
C VAL A 66 1.87 15.56 17.29
N ILE A 67 2.71 16.57 17.32
CA ILE A 67 2.36 17.89 16.80
C ILE A 67 3.46 18.43 15.92
N GLY A 68 3.09 19.04 14.80
CA GLY A 68 4.07 19.56 13.89
C GLY A 68 3.47 19.86 12.53
N PRO A 69 4.27 20.34 11.58
CA PRO A 69 3.72 20.73 10.28
C PRO A 69 3.03 19.56 9.60
N CYS A 70 2.01 19.86 8.79
CA CYS A 70 1.48 18.82 7.93
C CYS A 70 2.62 18.23 7.12
N SER A 71 3.51 19.11 6.68
CA SER A 71 4.68 18.71 5.93
C SER A 71 5.79 19.60 6.44
N LEU A 72 6.97 19.05 6.63
CA LEU A 72 8.07 19.88 7.08
C LEU A 72 8.72 20.24 5.77
N HIS A 73 8.71 21.52 5.42
CA HIS A 73 9.30 21.89 4.14
C HIS A 73 10.40 22.94 4.11
N ASP A 74 10.69 23.56 5.24
CA ASP A 74 11.75 24.55 5.31
C ASP A 74 12.62 24.40 6.57
N PRO A 75 13.86 23.91 6.39
CA PRO A 75 14.57 23.32 7.55
C PRO A 75 15.01 24.36 8.57
N LYS A 76 15.34 25.57 8.11
CA LYS A 76 15.47 26.69 9.04
C LYS A 76 14.19 26.89 9.83
N ALA A 77 13.07 26.96 9.11
CA ALA A 77 11.77 27.09 9.74
C ALA A 77 11.53 25.95 10.68
N ALA A 78 11.92 24.75 10.28
CA ALA A 78 11.69 23.64 11.17
C ALA A 78 12.55 23.76 12.42
N TYR A 79 13.77 24.28 12.29
CA TYR A 79 14.64 24.41 13.45
C TYR A 79 14.08 25.42 14.41
N ASP A 80 13.66 26.55 13.87
CA ASP A 80 12.95 27.54 14.64
C ASP A 80 11.79 26.93 15.43
N TYR A 81 10.90 26.21 14.73
CA TYR A 81 9.72 25.64 15.37
C TYR A 81 10.08 24.54 16.37
N ALA A 82 11.03 23.67 16.04
CA ALA A 82 11.45 22.66 16.99
C ALA A 82 12.09 23.30 18.20
N ASP A 83 12.85 24.37 17.99
CA ASP A 83 13.26 25.19 19.12
C ASP A 83 12.07 25.51 20.00
N ARG A 84 11.07 26.20 19.42
CA ARG A 84 9.96 26.72 20.20
C ARG A 84 9.22 25.61 20.93
N LEU A 85 8.86 24.58 20.19
CA LEU A 85 8.11 23.51 20.79
C LEU A 85 8.91 22.83 21.89
N ALA A 86 10.19 22.50 21.64
CA ALA A 86 11.03 21.93 22.69
C ALA A 86 11.06 22.81 23.93
N LYS A 87 11.10 24.13 23.74
CA LYS A 87 11.07 25.03 24.88
C LYS A 87 9.82 24.83 25.73
N ILE A 88 8.64 24.84 25.10
CA ILE A 88 7.42 24.63 25.90
C ILE A 88 7.11 23.15 26.12
N SER A 89 7.89 22.25 25.54
CA SER A 89 7.58 20.83 25.60
C SER A 89 7.87 20.27 26.97
N GLU A 90 8.87 20.83 27.65
CA GLU A 90 9.16 20.53 29.04
C GLU A 90 8.39 21.42 29.98
N LYS A 91 7.78 22.50 29.46
CA LYS A 91 6.93 23.33 30.29
C LYS A 91 5.81 22.43 30.80
N LEU A 92 5.23 21.63 29.91
CA LEU A 92 4.18 20.68 30.19
C LEU A 92 4.50 19.15 30.40
N SER A 93 5.80 18.96 30.36
CA SER A 93 6.37 17.63 30.38
C SER A 93 5.76 16.75 31.42
N LYS A 94 5.56 17.29 32.59
CA LYS A 94 5.01 16.46 33.63
C LYS A 94 3.67 15.98 33.10
N ASP A 95 2.92 16.88 32.46
CA ASP A 95 1.61 16.56 31.91
C ASP A 95 1.47 15.57 30.74
N LEU A 96 2.32 15.69 29.74
CA LEU A 96 2.26 14.80 28.60
C LEU A 96 3.56 14.83 27.82
N LEU A 97 3.75 13.83 26.96
CA LEU A 97 4.95 13.73 26.16
C LEU A 97 4.77 14.44 24.83
N ILE A 98 5.68 15.33 24.48
CA ILE A 98 5.53 16.06 23.22
C ILE A 98 6.55 15.52 22.19
N ILE A 99 6.02 14.87 21.15
CA ILE A 99 6.78 14.36 20.02
C ILE A 99 6.50 15.20 18.79
N MET A 100 7.53 15.55 18.05
CA MET A 100 7.31 16.44 16.94
C MET A 100 7.04 15.63 15.67
N ARG A 101 6.15 16.19 14.85
CA ARG A 101 5.64 15.58 13.63
C ARG A 101 6.62 15.92 12.51
N ALA A 102 7.69 15.10 12.40
CA ALA A 102 8.66 15.10 11.30
C ALA A 102 8.22 14.23 10.13
N TYR A 103 7.36 14.77 9.30
CA TYR A 103 6.96 14.13 8.06
C TYR A 103 7.78 14.68 6.89
N LEU A 104 7.96 13.84 5.88
CA LEU A 104 8.68 14.29 4.72
C LEU A 104 7.81 14.33 3.47
N GLU A 105 6.67 13.62 3.43
CA GLU A 105 5.88 13.70 2.21
C GLU A 105 4.39 13.42 2.46
N LYS A 106 3.50 14.30 1.94
CA LYS A 106 2.04 14.21 2.11
C LYS A 106 1.36 13.40 1.01
N PRO A 107 0.75 12.25 1.34
CA PRO A 107 0.23 11.37 0.28
C PRO A 107 -0.92 12.01 -0.47
N ARG A 108 -0.94 11.82 -1.80
CA ARG A 108 -1.97 12.40 -2.65
C ARG A 108 -2.24 11.51 -3.87
N THR A 109 -3.21 11.97 -4.66
CA THR A 109 -3.55 11.42 -5.94
C THR A 109 -3.39 12.46 -7.04
N THR A 110 -3.08 13.70 -6.65
CA THR A 110 -3.05 14.88 -7.49
C THR A 110 -1.60 15.29 -7.76
N VAL A 111 -1.46 16.34 -8.59
CA VAL A 111 -0.15 16.88 -8.93
C VAL A 111 0.22 17.92 -7.89
N GLY A 112 1.48 17.89 -7.51
CA GLY A 112 2.00 18.84 -6.56
C GLY A 112 3.25 18.24 -5.95
N TRP A 113 3.74 18.95 -4.94
CA TRP A 113 5.01 18.60 -4.35
C TRP A 113 4.94 17.23 -3.71
N LYS A 114 5.79 16.32 -4.19
CA LYS A 114 5.72 14.95 -3.74
C LYS A 114 6.54 14.76 -2.48
N GLY A 115 6.66 15.78 -1.61
CA GLY A 115 7.43 15.67 -0.39
C GLY A 115 8.89 16.09 -0.52
N LEU A 116 9.57 16.22 0.64
CA LEU A 116 10.97 16.70 0.72
C LEU A 116 11.96 15.72 0.13
N ILE A 117 11.69 14.43 0.24
CA ILE A 117 12.60 13.50 -0.37
C ILE A 117 12.56 13.48 -1.91
N ASN A 118 11.37 13.43 -2.51
CA ASN A 118 11.28 13.37 -3.98
C ASN A 118 11.67 14.60 -4.80
N ASP A 119 11.13 15.74 -4.41
CA ASP A 119 11.45 17.02 -5.02
C ASP A 119 11.78 18.07 -3.99
N PRO A 120 13.00 18.12 -3.47
CA PRO A 120 13.28 19.07 -2.40
C PRO A 120 13.84 20.40 -2.88
N ASP A 121 13.99 20.52 -4.18
CA ASP A 121 14.35 21.78 -4.83
C ASP A 121 13.10 22.57 -5.14
N MET A 122 11.95 21.89 -5.10
CA MET A 122 10.58 22.33 -5.33
C MET A 122 10.34 22.76 -6.77
N ASN A 123 11.11 22.25 -7.73
CA ASN A 123 10.99 22.66 -9.12
C ASN A 123 10.64 21.52 -10.07
N ASN A 124 10.23 20.36 -9.56
CA ASN A 124 10.07 19.14 -10.37
C ASN A 124 11.40 18.79 -11.04
N SER A 125 12.47 18.99 -10.29
CA SER A 125 13.75 18.47 -10.71
C SER A 125 14.01 17.09 -10.15
N PHE A 126 13.48 16.77 -8.97
CA PHE A 126 13.52 15.41 -8.40
C PHE A 126 14.89 14.85 -7.99
N GLN A 127 15.68 15.66 -7.30
CA GLN A 127 17.09 15.29 -7.04
C GLN A 127 17.19 14.53 -5.72
N ILE A 128 16.79 13.23 -5.77
CA ILE A 128 16.29 12.57 -4.55
C ILE A 128 17.42 12.26 -3.57
N ASN A 129 18.55 11.76 -4.05
CA ASN A 129 19.73 11.67 -3.19
C ASN A 129 19.92 12.89 -2.27
N LYS A 130 19.92 14.09 -2.84
CA LYS A 130 20.03 15.29 -2.01
C LYS A 130 18.86 15.39 -1.04
N GLY A 131 17.66 15.11 -1.52
CA GLY A 131 16.50 15.11 -0.65
C GLY A 131 16.86 14.36 0.59
N LEU A 132 17.33 13.12 0.41
CA LEU A 132 17.68 12.29 1.56
C LEU A 132 18.78 12.93 2.37
N ARG A 133 19.78 13.49 1.71
CA ARG A 133 20.89 14.06 2.46
C ARG A 133 20.27 15.04 3.42
N ILE A 134 19.70 16.06 2.78
CA ILE A 134 19.23 17.24 3.45
C ILE A 134 18.51 16.68 4.67
N SER A 135 17.51 15.84 4.37
CA SER A 135 16.54 15.35 5.35
C SER A 135 17.15 14.62 6.52
N ARG A 136 18.10 13.69 6.27
CA ARG A 136 18.78 13.12 7.42
C ARG A 136 19.57 14.19 8.17
N GLU A 137 20.16 15.14 7.46
CA GLU A 137 20.87 16.20 8.16
C GLU A 137 19.93 16.89 9.16
N MET A 138 18.77 17.29 8.64
CA MET A 138 17.64 17.80 9.42
C MET A 138 17.36 16.96 10.64
N PHE A 139 17.06 15.69 10.40
CA PHE A 139 16.72 14.80 11.49
C PHE A 139 17.78 14.78 12.60
N ILE A 140 19.06 14.59 12.24
CA ILE A 140 20.03 14.41 13.30
C ILE A 140 20.22 15.71 14.07
N LYS A 141 19.91 16.86 13.44
CA LYS A 141 19.82 18.10 14.21
C LYS A 141 18.61 18.14 15.14
N LEU A 142 17.50 17.59 14.69
CA LEU A 142 16.26 17.77 15.44
C LEU A 142 16.19 16.87 16.65
N VAL A 143 16.76 15.68 16.57
CA VAL A 143 16.66 14.78 17.70
C VAL A 143 17.45 15.27 18.89
N GLU A 144 18.26 16.33 18.69
CA GLU A 144 18.96 16.98 19.79
C GLU A 144 18.08 17.97 20.53
N LYS A 145 17.06 18.50 19.84
CA LYS A 145 16.10 19.49 20.32
C LYS A 145 14.87 18.87 21.00
N LEU A 146 14.26 17.88 20.34
CA LEU A 146 13.15 17.09 20.88
C LEU A 146 13.05 15.83 20.07
N PRO A 147 12.55 14.72 20.62
CA PRO A 147 12.31 13.55 19.77
C PRO A 147 11.22 13.78 18.74
N ILE A 148 11.16 12.87 17.75
CA ILE A 148 10.34 13.08 16.58
C ILE A 148 9.65 11.79 16.19
N ALA A 149 8.80 11.96 15.19
CA ALA A 149 7.91 10.96 14.65
C ALA A 149 7.69 11.28 13.19
N GLY A 150 7.44 10.24 12.39
CA GLY A 150 7.27 10.41 10.97
C GLY A 150 6.24 9.42 10.45
N GLU A 151 5.83 9.64 9.19
CA GLU A 151 4.78 8.84 8.55
C GLU A 151 5.47 7.88 7.61
N MET A 152 5.36 6.58 7.88
CA MET A 152 5.98 5.60 7.00
C MET A 152 5.18 5.53 5.72
N LEU A 153 5.74 6.07 4.65
CA LEU A 153 5.07 6.03 3.38
C LEU A 153 5.51 4.87 2.53
N ASP A 154 6.80 4.67 2.38
CA ASP A 154 7.35 3.54 1.65
C ASP A 154 8.45 2.91 2.45
N THR A 155 8.83 1.69 2.00
CA THR A 155 9.61 0.71 2.75
C THR A 155 11.09 0.65 2.37
N ILE A 156 11.52 1.36 1.33
CA ILE A 156 12.96 1.56 1.11
C ILE A 156 13.46 2.73 1.94
N SER A 157 12.75 3.85 1.87
CA SER A 157 13.13 5.09 2.55
C SER A 157 13.47 5.00 4.04
N PRO A 158 12.80 4.24 4.90
CA PRO A 158 13.15 4.29 6.33
C PRO A 158 14.49 3.66 6.68
N GLN A 159 15.12 2.99 5.73
CA GLN A 159 16.45 2.46 5.94
C GLN A 159 17.35 3.68 6.11
N PHE A 160 17.05 4.74 5.38
CA PHE A 160 17.85 5.94 5.49
C PHE A 160 17.57 6.79 6.74
N LEU A 161 16.30 6.83 7.15
CA LEU A 161 15.91 7.60 8.32
C LEU A 161 15.24 7.05 9.58
N SER A 162 15.06 5.75 9.69
CA SER A 162 14.33 5.22 10.83
C SER A 162 14.85 5.56 12.21
N ASP A 163 16.15 5.41 12.40
CA ASP A 163 16.78 5.65 13.69
C ASP A 163 16.63 7.10 14.16
N CYS A 164 16.00 7.98 13.43
CA CYS A 164 15.64 9.22 14.08
C CYS A 164 14.23 9.18 14.65
N PHE A 165 13.42 8.20 14.27
CA PHE A 165 12.06 8.14 14.77
C PHE A 165 12.06 7.54 16.16
N SER A 166 11.53 8.32 17.11
CA SER A 166 11.07 7.71 18.34
C SER A 166 9.79 6.91 18.09
N LEU A 167 9.04 7.23 17.02
CA LEU A 167 7.69 6.73 16.86
C LEU A 167 7.16 6.99 15.46
N GLY A 168 6.39 6.03 14.93
CA GLY A 168 5.78 6.13 13.61
C GLY A 168 4.34 5.69 13.38
N ALA A 169 3.70 6.39 12.45
CA ALA A 169 2.34 6.15 11.98
C ALA A 169 2.33 5.51 10.61
N ILE A 170 1.26 4.80 10.33
CA ILE A 170 0.96 4.32 8.98
C ILE A 170 -0.23 5.08 8.43
N GLY A 171 0.05 5.93 7.44
CA GLY A 171 -0.95 6.67 6.71
C GLY A 171 -2.23 5.94 6.36
N ALA A 172 -3.35 6.62 6.38
CA ALA A 172 -4.59 5.92 6.15
C ALA A 172 -4.60 5.02 4.93
N ARG A 173 -4.08 5.50 3.83
CA ARG A 173 -4.10 4.73 2.59
C ARG A 173 -3.32 3.41 2.53
N THR A 174 -2.29 3.26 3.33
CA THR A 174 -1.41 2.10 3.28
C THR A 174 -1.64 1.12 4.44
N THR A 175 -2.49 1.46 5.38
CA THR A 175 -2.77 0.54 6.47
C THR A 175 -3.15 -0.85 5.97
N GLU A 176 -3.92 -0.95 4.89
CA GLU A 176 -4.35 -2.28 4.44
C GLU A 176 -3.20 -3.05 3.78
N SER A 177 -2.09 -2.36 3.47
CA SER A 177 -1.01 -2.94 2.69
C SER A 177 -0.25 -3.97 3.50
N GLN A 178 -0.24 -5.21 3.03
CA GLN A 178 0.57 -6.24 3.66
C GLN A 178 1.96 -5.71 3.94
N LEU A 179 2.54 -5.05 2.93
CA LEU A 179 3.90 -4.54 2.98
C LEU A 179 4.18 -3.70 4.20
N HIS A 180 3.32 -2.72 4.44
CA HIS A 180 3.48 -1.81 5.56
C HIS A 180 3.27 -2.50 6.91
N ARG A 181 2.52 -3.60 6.93
CA ARG A 181 2.42 -4.41 8.15
C ARG A 181 3.72 -5.15 8.44
N GLU A 182 4.28 -5.83 7.42
CA GLU A 182 5.59 -6.50 7.54
C GLU A 182 6.67 -5.53 7.92
N LEU A 183 6.64 -4.33 7.34
CA LEU A 183 7.62 -3.31 7.69
C LEU A 183 7.42 -2.90 9.15
N ALA A 184 6.17 -2.63 9.51
CA ALA A 184 5.78 -2.24 10.85
C ALA A 184 6.39 -3.14 11.90
N SER A 185 6.35 -4.46 11.65
CA SER A 185 6.78 -5.43 12.67
C SER A 185 8.27 -5.35 13.00
N GLY A 186 9.11 -4.83 12.08
CA GLY A 186 10.53 -4.70 12.35
C GLY A 186 10.96 -3.41 13.04
N LEU A 187 10.34 -2.29 12.67
CA LEU A 187 10.65 -0.98 13.22
C LEU A 187 10.87 -1.07 14.72
N SER A 188 11.87 -0.35 15.21
CA SER A 188 12.25 -0.38 16.63
C SER A 188 11.63 0.75 17.42
N PHE A 189 10.32 0.98 17.27
CA PHE A 189 9.60 1.99 18.03
C PHE A 189 8.09 1.79 17.91
N PRO A 190 7.26 2.67 18.49
CA PRO A 190 5.82 2.41 18.46
C PRO A 190 5.18 2.81 17.16
N ILE A 191 4.33 1.94 16.65
CA ILE A 191 3.53 2.29 15.48
C ILE A 191 2.05 2.46 15.86
N GLY A 192 1.41 3.48 15.28
CA GLY A 192 -0.04 3.61 15.35
C GLY A 192 -0.72 3.91 14.03
N PHE A 193 -1.49 2.95 13.53
CA PHE A 193 -2.10 3.04 12.21
C PHE A 193 -3.28 4.04 12.16
N LYS A 194 -3.49 4.63 10.99
CA LYS A 194 -4.67 5.47 10.75
C LYS A 194 -5.81 4.64 10.14
N ASN A 195 -7.04 4.97 10.53
CA ASN A 195 -8.20 4.18 10.13
C ASN A 195 -8.59 4.55 8.69
N GLY A 196 -9.31 3.63 8.03
CA GLY A 196 -9.49 3.68 6.60
C GLY A 196 -10.26 4.90 6.13
N THR A 197 -10.12 5.20 4.84
CA THR A 197 -10.69 6.43 4.29
C THR A 197 -12.20 6.45 4.36
N ASP A 198 -12.85 5.29 4.51
CA ASP A 198 -14.26 5.33 4.81
C ASP A 198 -14.50 5.80 6.23
N GLY A 199 -13.48 5.76 7.07
CA GLY A 199 -13.64 5.79 8.50
C GLY A 199 -13.63 4.40 9.13
N GLY A 200 -13.53 3.34 8.32
CA GLY A 200 -13.63 2.00 8.87
C GLY A 200 -12.53 1.73 9.89
N LEU A 201 -12.87 0.94 10.89
CA LEU A 201 -11.94 0.68 11.98
C LEU A 201 -11.38 -0.73 11.96
N GLN A 202 -11.81 -1.56 10.99
CA GLN A 202 -11.34 -2.93 10.97
C GLN A 202 -9.96 -3.04 10.36
N VAL A 203 -9.70 -2.24 9.31
CA VAL A 203 -8.38 -2.22 8.70
C VAL A 203 -7.30 -2.07 9.77
N ALA A 204 -7.46 -1.06 10.65
CA ALA A 204 -6.43 -0.75 11.65
C ALA A 204 -6.30 -1.85 12.67
N ILE A 205 -7.40 -2.51 12.98
CA ILE A 205 -7.33 -3.56 13.99
C ILE A 205 -6.60 -4.75 13.40
N ASP A 206 -6.83 -5.02 12.13
CA ASP A 206 -6.14 -6.12 11.48
C ASP A 206 -4.66 -5.85 11.38
N ALA A 207 -4.30 -4.60 11.12
CA ALA A 207 -2.90 -4.22 10.97
C ALA A 207 -2.16 -4.42 12.28
N MET A 208 -2.78 -3.96 13.38
CA MET A 208 -2.26 -4.20 14.73
C MET A 208 -2.10 -5.69 14.99
N ARG A 209 -3.06 -6.50 14.52
CA ARG A 209 -2.97 -7.95 14.73
C ARG A 209 -1.82 -8.57 13.98
N ALA A 210 -1.58 -8.14 12.74
CA ALA A 210 -0.48 -8.63 11.91
C ALA A 210 0.89 -8.21 12.47
N ALA A 211 1.09 -6.89 12.62
CA ALA A 211 2.36 -6.36 13.10
C ALA A 211 2.80 -6.94 14.43
N ALA A 212 1.88 -7.43 15.27
CA ALA A 212 2.29 -8.15 16.47
C ALA A 212 3.18 -9.33 16.10
N HIS A 213 2.82 -9.99 14.99
CA HIS A 213 3.41 -11.25 14.62
C HIS A 213 4.80 -11.05 14.06
N GLU A 214 5.49 -12.15 13.87
CA GLU A 214 6.82 -12.15 13.27
C GLU A 214 6.68 -12.49 11.79
N HIS A 215 7.23 -11.64 10.91
CA HIS A 215 7.12 -11.93 9.48
C HIS A 215 8.48 -11.90 8.78
N TYR A 216 8.50 -12.61 7.65
CA TYR A 216 9.69 -12.73 6.82
C TYR A 216 9.34 -12.22 5.43
N PHE A 217 10.10 -11.24 4.96
CA PHE A 217 9.78 -10.69 3.64
C PHE A 217 11.07 -10.26 2.91
N LEU A 218 10.91 -9.50 1.84
CA LEU A 218 12.04 -9.04 1.07
C LEU A 218 12.22 -7.61 1.40
N SER A 219 13.39 -7.25 1.86
CA SER A 219 13.57 -5.87 2.13
C SER A 219 14.96 -5.45 1.83
N VAL A 220 15.14 -4.15 1.82
CA VAL A 220 16.42 -3.55 1.54
C VAL A 220 17.23 -3.45 2.80
N THR A 221 18.49 -3.83 2.73
CA THR A 221 19.46 -3.80 3.83
C THR A 221 20.30 -2.52 3.78
N LYS A 222 20.91 -2.21 4.91
CA LYS A 222 21.69 -0.98 5.04
C LYS A 222 22.75 -0.79 3.94
N PRO A 223 23.51 -1.82 3.50
CA PRO A 223 24.46 -1.64 2.37
C PRO A 223 23.86 -1.22 1.04
N GLY A 224 22.58 -1.44 0.77
CA GLY A 224 21.98 -1.09 -0.49
C GLY A 224 21.54 -2.28 -1.30
N VAL A 225 21.61 -3.50 -0.76
CA VAL A 225 21.13 -4.67 -1.49
C VAL A 225 19.87 -5.27 -0.84
N THR A 226 19.10 -5.96 -1.68
CA THR A 226 17.90 -6.60 -1.16
C THR A 226 18.27 -7.86 -0.41
N ALA A 227 17.42 -8.24 0.53
CA ALA A 227 17.65 -9.44 1.29
C ALA A 227 16.39 -9.91 1.97
N ILE A 228 16.45 -11.11 2.53
CA ILE A 228 15.35 -11.69 3.24
C ILE A 228 15.46 -11.27 4.69
N VAL A 229 14.39 -10.73 5.26
CA VAL A 229 14.41 -10.21 6.62
C VAL A 229 13.39 -10.95 7.47
N GLY A 230 13.81 -11.31 8.68
CA GLY A 230 12.89 -11.75 9.71
C GLY A 230 12.78 -10.68 10.77
N THR A 231 11.55 -10.43 11.20
CA THR A 231 11.28 -9.47 12.26
C THR A 231 10.75 -10.20 13.49
N GLU A 232 11.00 -9.62 14.67
CA GLU A 232 10.41 -10.17 15.89
C GLU A 232 8.91 -9.95 15.93
N GLY A 233 8.45 -8.87 15.31
CA GLY A 233 7.12 -8.38 15.51
C GLY A 233 7.19 -7.19 16.44
N ASN A 234 6.35 -6.18 16.20
CA ASN A 234 6.21 -5.06 17.11
C ASN A 234 4.89 -5.29 17.84
N LYS A 235 4.96 -5.45 19.16
CA LYS A 235 3.78 -5.62 19.95
C LYS A 235 3.38 -4.23 20.41
N ASP A 236 4.27 -3.27 20.24
CA ASP A 236 3.98 -1.92 20.68
C ASP A 236 3.16 -1.24 19.62
N THR A 237 1.89 -1.58 19.56
CA THR A 237 1.02 -1.04 18.52
C THR A 237 -0.25 -0.37 19.02
N PHE A 238 -0.81 0.56 18.25
CA PHE A 238 -2.05 1.23 18.66
C PHE A 238 -2.87 1.59 17.40
N LEU A 239 -3.92 2.40 17.59
CA LEU A 239 -4.84 2.83 16.54
C LEU A 239 -4.94 4.35 16.56
N ILE A 240 -5.06 4.97 15.40
CA ILE A 240 -5.33 6.40 15.38
C ILE A 240 -6.67 6.72 14.73
N LEU A 241 -7.50 7.47 15.44
CA LEU A 241 -8.72 7.96 14.85
C LEU A 241 -8.36 9.24 14.12
N ARG A 242 -8.82 9.36 12.88
CA ARG A 242 -8.47 10.51 12.07
C ARG A 242 -9.60 11.02 11.18
N GLY A 243 -10.66 10.25 11.00
CA GLY A 243 -11.76 10.69 10.18
C GLY A 243 -11.99 9.74 9.00
N GLY A 244 -12.80 10.19 8.07
CA GLY A 244 -13.07 9.39 6.89
C GLY A 244 -13.99 10.13 5.94
N LYS A 245 -14.39 9.40 4.91
CA LYS A 245 -15.44 9.82 3.98
C LYS A 245 -16.75 9.92 4.74
N ASN A 246 -16.80 9.05 5.76
CA ASN A 246 -17.91 8.91 6.69
C ASN A 246 -17.42 8.75 8.15
N GLY A 247 -18.31 9.05 9.09
CA GLY A 247 -18.06 8.93 10.52
C GLY A 247 -17.02 9.63 11.37
N THR A 248 -16.75 10.91 11.12
CA THR A 248 -15.78 11.63 11.93
C THR A 248 -15.98 11.12 13.36
N ASN A 249 -14.91 10.59 13.94
CA ASN A 249 -14.98 9.75 15.14
C ASN A 249 -14.32 10.42 16.35
N PHE A 250 -14.33 11.75 16.37
CA PHE A 250 -13.79 12.55 17.47
C PHE A 250 -15.07 12.78 18.31
N ASP A 251 -15.51 11.75 19.02
CA ASP A 251 -16.50 12.01 20.06
C ASP A 251 -16.50 10.88 21.09
N LYS A 252 -17.13 11.16 22.23
CA LYS A 252 -17.11 10.20 23.32
C LYS A 252 -17.66 8.87 22.87
N GLU A 253 -18.82 8.91 22.23
CA GLU A 253 -19.38 7.67 21.71
C GLU A 253 -18.40 6.92 20.84
N SER A 254 -17.83 7.61 19.85
CA SER A 254 -17.06 6.94 18.83
C SER A 254 -15.80 6.32 19.43
N VAL A 255 -15.22 6.99 20.41
CA VAL A 255 -14.07 6.46 21.13
C VAL A 255 -14.44 5.20 21.92
N GLN A 256 -15.59 5.22 22.62
CA GLN A 256 -16.01 4.05 23.40
C GLN A 256 -16.36 2.87 22.49
N ASN A 257 -17.06 3.14 21.40
CA ASN A 257 -17.26 2.15 20.36
C ASN A 257 -15.92 1.54 19.94
N THR A 258 -14.93 2.39 19.72
CA THR A 258 -13.63 1.91 19.29
C THR A 258 -12.96 1.07 20.37
N LYS A 259 -12.95 1.57 21.60
CA LYS A 259 -12.34 0.85 22.71
C LYS A 259 -12.94 -0.54 22.82
N LYS A 260 -14.25 -0.63 22.63
CA LYS A 260 -14.95 -1.90 22.70
C LYS A 260 -14.48 -2.82 21.57
N GLN A 261 -14.17 -2.26 20.41
CA GLN A 261 -13.75 -3.14 19.33
C GLN A 261 -12.32 -3.62 19.55
N LEU A 262 -11.48 -2.77 20.13
CA LEU A 262 -10.11 -3.17 20.47
C LEU A 262 -10.09 -4.20 21.60
N GLU A 263 -10.94 -4.01 22.61
CA GLU A 263 -11.08 -5.03 23.65
C GLU A 263 -11.56 -6.35 23.05
N LYS A 264 -12.58 -6.31 22.19
CA LYS A 264 -13.04 -7.51 21.53
C LYS A 264 -11.94 -8.12 20.67
N ALA A 265 -10.92 -7.34 20.35
CA ALA A 265 -9.82 -7.84 19.55
C ALA A 265 -8.73 -8.54 20.37
N GLY A 266 -8.72 -8.36 21.69
CA GLY A 266 -7.58 -8.85 22.45
C GLY A 266 -6.32 -8.06 22.18
N LEU A 267 -6.42 -6.76 22.01
CA LEU A 267 -5.28 -5.88 21.82
C LEU A 267 -4.98 -5.03 23.04
N THR A 268 -5.98 -4.80 23.90
CA THR A 268 -5.87 -3.90 25.04
C THR A 268 -6.83 -4.32 26.13
N ASP A 269 -6.52 -3.91 27.36
CA ASP A 269 -7.43 -4.01 28.49
C ASP A 269 -7.47 -2.66 29.20
N ASP A 270 -8.30 -2.58 30.24
CA ASP A 270 -8.73 -1.30 30.75
C ASP A 270 -7.56 -0.49 31.28
N SER A 271 -6.44 -1.15 31.61
CA SER A 271 -5.26 -0.45 32.06
C SER A 271 -4.46 0.12 30.88
N GLN A 272 -4.35 -0.63 29.79
CA GLN A 272 -3.60 -0.19 28.61
C GLN A 272 -4.32 0.99 27.94
N LYS A 273 -3.58 1.68 27.07
CA LYS A 273 -4.13 2.82 26.33
C LYS A 273 -3.66 2.69 24.88
N ARG A 274 -4.60 2.46 23.96
CA ARG A 274 -4.23 2.14 22.58
C ARG A 274 -4.90 3.04 21.55
N ILE A 275 -5.31 4.25 21.91
CA ILE A 275 -6.12 5.07 21.01
C ILE A 275 -5.53 6.47 20.92
N MET A 276 -5.19 6.86 19.71
CA MET A 276 -4.72 8.22 19.46
C MET A 276 -5.67 8.90 18.51
N ILE A 277 -5.83 10.21 18.69
CA ILE A 277 -6.78 10.99 17.90
C ILE A 277 -6.00 11.99 17.05
N ASP A 278 -6.33 12.03 15.76
CA ASP A 278 -5.87 13.06 14.84
C ASP A 278 -6.96 14.12 14.68
N CYS A 279 -6.60 15.39 14.88
CA CYS A 279 -7.58 16.48 14.87
C CYS A 279 -7.57 17.25 13.56
N SER A 280 -6.66 16.95 12.64
CA SER A 280 -6.73 17.46 11.28
C SER A 280 -7.26 16.35 10.37
N HIS A 281 -7.00 16.46 9.06
CA HIS A 281 -7.50 15.48 8.10
C HIS A 281 -9.03 15.42 8.18
N GLY A 282 -9.61 14.24 8.38
CA GLY A 282 -11.05 14.16 8.34
C GLY A 282 -11.88 14.80 9.41
N ASN A 283 -11.47 14.58 10.64
CA ASN A 283 -12.18 15.10 11.77
C ASN A 283 -12.30 16.60 11.66
N SER A 284 -11.24 17.24 11.19
CA SER A 284 -11.30 18.68 11.05
C SER A 284 -11.91 19.15 9.76
N ASN A 285 -12.20 18.19 8.89
CA ASN A 285 -12.82 18.54 7.64
C ASN A 285 -12.04 19.62 6.93
N LYS A 286 -10.73 19.48 6.95
CA LYS A 286 -9.91 20.43 6.26
C LYS A 286 -10.22 21.84 6.72
N ASP A 287 -10.48 21.97 8.01
CA ASP A 287 -10.76 23.29 8.59
C ASP A 287 -9.87 23.36 9.82
N PHE A 288 -8.84 24.20 9.76
CA PHE A 288 -7.97 24.37 10.93
C PHE A 288 -8.71 24.96 12.14
N LYS A 289 -9.69 25.85 11.93
CA LYS A 289 -10.53 26.38 13.02
C LYS A 289 -11.19 25.27 13.82
N ASN A 290 -11.54 24.16 13.16
CA ASN A 290 -12.21 23.10 13.89
C ASN A 290 -11.25 22.23 14.69
N GLN A 291 -9.92 22.38 14.53
CA GLN A 291 -9.01 21.61 15.37
C GLN A 291 -9.14 22.01 16.84
N PRO A 292 -8.93 23.29 17.24
CA PRO A 292 -8.99 23.60 18.69
C PRO A 292 -10.24 23.11 19.39
N LYS A 293 -11.42 23.27 18.76
CA LYS A 293 -12.69 22.77 19.30
C LYS A 293 -12.65 21.26 19.53
N VAL A 294 -11.91 20.53 18.67
CA VAL A 294 -11.71 19.10 18.87
C VAL A 294 -10.76 18.83 20.02
N ALA A 295 -9.78 19.71 20.21
CA ALA A 295 -9.04 19.70 21.47
C ALA A 295 -10.01 19.86 22.63
N LYS A 296 -10.95 20.80 22.51
CA LYS A 296 -11.93 21.02 23.56
C LYS A 296 -12.69 19.74 23.84
N CYS A 297 -13.24 19.11 22.78
CA CYS A 297 -13.90 17.82 22.96
C CYS A 297 -13.00 16.86 23.73
N ILE A 298 -11.75 16.76 23.32
CA ILE A 298 -10.81 15.86 23.98
C ILE A 298 -10.69 16.24 25.45
N TYR A 299 -10.38 17.49 25.69
CA TYR A 299 -10.18 17.96 27.05
C TYR A 299 -11.37 17.53 27.91
N ASP A 300 -12.58 17.62 27.35
CA ASP A 300 -13.76 17.23 28.11
C ASP A 300 -13.70 15.75 28.48
N GLN A 301 -13.45 14.88 27.50
CA GLN A 301 -13.36 13.45 27.75
C GLN A 301 -12.22 13.08 28.68
N LEU A 302 -11.22 13.95 28.82
CA LEU A 302 -10.19 13.67 29.82
C LEU A 302 -10.63 14.15 31.20
N THR A 303 -11.35 15.26 31.23
CA THR A 303 -11.98 15.68 32.48
C THR A 303 -12.89 14.58 33.02
N GLU A 304 -13.47 13.77 32.14
CA GLU A 304 -14.29 12.63 32.53
C GLU A 304 -13.48 11.38 32.85
N GLY A 305 -12.15 11.43 32.82
CA GLY A 305 -11.37 10.26 33.20
C GLY A 305 -11.25 9.16 32.17
N GLU A 306 -11.41 9.46 30.89
CA GLU A 306 -11.29 8.51 29.79
C GLU A 306 -9.88 7.94 29.69
N ASN A 307 -9.67 6.66 30.05
CA ASN A 307 -8.32 6.12 30.27
C ASN A 307 -7.78 5.25 29.13
N SER A 308 -8.57 5.01 28.09
CA SER A 308 -8.07 4.29 26.92
C SER A 308 -7.30 5.17 25.95
N LEU A 309 -7.38 6.49 26.12
CA LEU A 309 -6.65 7.42 25.26
C LEU A 309 -5.17 7.35 25.62
N CYS A 310 -4.34 7.19 24.60
CA CYS A 310 -2.91 7.38 24.71
C CYS A 310 -2.40 8.66 24.04
N GLY A 311 -2.99 9.13 22.95
CA GLY A 311 -2.51 10.42 22.45
C GLY A 311 -3.43 11.13 21.46
N VAL A 312 -2.94 12.28 21.04
CA VAL A 312 -3.56 13.12 20.02
C VAL A 312 -2.52 13.51 18.99
N MET A 313 -2.95 13.63 17.71
CA MET A 313 -2.16 14.21 16.62
C MET A 313 -2.65 15.61 16.27
N ILE A 314 -1.71 16.42 15.74
CA ILE A 314 -1.96 17.85 15.54
C ILE A 314 -1.05 18.40 14.46
N GLU A 315 -1.65 18.90 13.39
CA GLU A 315 -0.94 19.52 12.27
C GLU A 315 -0.80 21.01 12.59
N SER A 316 0.33 21.39 13.16
CA SER A 316 0.53 22.76 13.59
C SER A 316 1.73 23.40 12.88
N ASN A 317 1.71 24.72 12.73
CA ASN A 317 2.82 25.41 12.09
C ASN A 317 3.05 26.79 12.72
N ILE A 318 4.17 27.42 12.38
CA ILE A 318 4.47 28.76 12.90
C ILE A 318 3.32 29.71 12.60
N ASN A 319 2.90 29.74 11.34
CA ASN A 319 1.80 30.57 10.92
C ASN A 319 0.72 29.68 10.34
N GLU A 320 -0.52 30.10 10.54
CA GLU A 320 -1.67 29.22 10.42
C GLU A 320 -2.04 29.03 8.95
N GLY A 321 -3.17 28.35 8.73
CA GLY A 321 -3.65 28.13 7.39
C GLY A 321 -2.64 27.38 6.55
N ARG A 322 -2.65 27.67 5.26
CA ARG A 322 -1.65 27.16 4.34
C ARG A 322 -1.48 28.14 3.20
N GLN A 323 -0.48 27.88 2.36
CA GLN A 323 -0.24 28.69 1.19
C GLN A 323 0.09 27.77 0.03
N ASP A 324 -0.11 28.29 -1.18
CA ASP A 324 0.04 27.52 -2.40
C ASP A 324 1.45 27.71 -2.94
N ILE A 325 2.26 26.64 -2.95
CA ILE A 325 3.56 26.73 -3.61
C ILE A 325 3.30 27.06 -5.07
N PRO A 326 3.79 28.20 -5.55
CA PRO A 326 3.56 28.54 -6.96
C PRO A 326 4.32 27.57 -7.86
N LYS A 327 3.57 26.82 -8.68
CA LYS A 327 4.20 25.87 -9.59
C LYS A 327 5.17 26.58 -10.56
N GLU A 328 4.81 27.75 -11.05
CA GLU A 328 5.72 28.62 -11.82
C GLU A 328 6.51 29.65 -11.02
N GLY A 329 6.71 29.31 -9.76
CA GLY A 329 7.61 30.12 -8.97
C GLY A 329 8.44 29.14 -8.18
N GLY A 330 9.48 29.65 -7.55
CA GLY A 330 10.31 28.85 -6.67
C GLY A 330 9.84 28.84 -5.22
N ARG A 331 10.51 28.00 -4.43
CA ARG A 331 10.37 28.18 -3.00
C ARG A 331 11.00 29.50 -2.56
N GLU A 332 11.70 30.17 -3.48
CA GLU A 332 12.37 31.45 -3.22
C GLU A 332 11.45 32.46 -2.54
N GLY A 333 10.25 32.68 -3.11
CA GLY A 333 9.28 33.58 -2.51
C GLY A 333 8.04 32.92 -1.95
N LEU A 334 8.07 32.59 -0.67
CA LEU A 334 6.96 31.92 -0.01
C LEU A 334 6.96 32.33 1.44
N LYS A 335 5.75 32.45 1.99
CA LYS A 335 5.57 32.90 3.36
C LYS A 335 6.25 31.93 4.31
N TYR A 336 6.95 32.49 5.29
CA TYR A 336 7.72 31.69 6.22
C TYR A 336 6.81 30.93 7.16
N GLY A 337 7.17 29.67 7.44
CA GLY A 337 6.43 28.89 8.42
C GLY A 337 4.96 28.71 8.14
N CYS A 338 4.57 28.60 6.86
CA CYS A 338 3.20 28.33 6.42
C CYS A 338 3.16 27.00 5.69
N SER A 339 2.63 25.95 6.32
CA SER A 339 2.64 24.61 5.73
C SER A 339 2.05 24.68 4.34
N VAL A 340 2.62 23.93 3.42
CA VAL A 340 2.23 24.04 2.03
C VAL A 340 1.35 22.86 1.60
N THR A 341 0.69 22.21 2.56
CA THR A 341 -0.07 20.99 2.32
C THR A 341 -1.50 21.07 2.84
N ASP A 342 -1.69 20.73 4.12
CA ASP A 342 -2.97 20.84 4.82
C ASP A 342 -2.92 22.02 5.79
N ALA A 343 -4.06 22.70 5.93
CA ALA A 343 -4.09 23.95 6.66
C ALA A 343 -3.85 23.71 8.13
N CYS A 344 -2.94 24.48 8.71
CA CYS A 344 -2.48 24.35 10.08
C CYS A 344 -2.98 25.49 10.96
N ILE A 345 -2.81 25.27 12.24
CA ILE A 345 -3.13 26.23 13.28
C ILE A 345 -1.89 27.06 13.58
N GLY A 346 -2.07 28.28 14.08
CA GLY A 346 -0.95 29.15 14.34
C GLY A 346 -0.17 28.82 15.61
N TRP A 347 0.91 29.59 15.84
CA TRP A 347 1.75 29.40 17.03
C TRP A 347 0.99 29.70 18.30
N GLU A 348 0.17 30.74 18.26
CA GLU A 348 -0.62 31.21 19.39
C GLU A 348 -1.67 30.18 19.78
N SER A 349 -2.47 29.77 18.80
CA SER A 349 -3.35 28.62 18.96
C SER A 349 -2.63 27.42 19.55
N THR A 350 -1.36 27.23 19.20
CA THR A 350 -0.62 26.03 19.61
C THR A 350 -0.25 26.10 21.09
N GLU A 351 0.38 27.19 21.49
CA GLU A 351 0.41 27.50 22.91
C GLU A 351 -0.95 27.17 23.53
N GLN A 352 -2.02 27.83 23.05
CA GLN A 352 -3.32 27.69 23.69
C GLN A 352 -3.70 26.23 23.82
N VAL A 353 -3.82 25.56 22.68
CA VAL A 353 -4.25 24.19 22.62
C VAL A 353 -3.47 23.34 23.62
N LEU A 354 -2.15 23.43 23.55
CA LEU A 354 -1.32 22.57 24.38
C LEU A 354 -1.57 22.82 25.86
N GLU A 355 -1.73 24.09 26.25
CA GLU A 355 -2.05 24.39 27.64
C GLU A 355 -3.33 23.69 28.04
N LEU A 356 -4.33 23.78 27.16
CA LEU A 356 -5.66 23.27 27.47
C LEU A 356 -5.61 21.76 27.71
N LEU A 357 -4.86 21.05 26.87
CA LEU A 357 -4.80 19.59 27.02
C LEU A 357 -4.02 19.18 28.27
N ALA A 358 -2.98 19.95 28.63
CA ALA A 358 -2.31 19.71 29.90
C ALA A 358 -3.30 19.71 31.05
N GLU A 359 -4.12 20.76 31.10
CA GLU A 359 -5.22 20.81 32.06
C GLU A 359 -6.06 19.53 32.01
N GLY A 360 -6.41 19.10 30.80
CA GLY A 360 -7.21 17.88 30.68
C GLY A 360 -6.57 16.67 31.33
N VAL A 361 -5.27 16.50 31.14
CA VAL A 361 -4.59 15.35 31.74
C VAL A 361 -4.65 15.44 33.27
N ARG A 362 -4.45 16.64 33.81
CA ARG A 362 -4.58 16.81 35.26
C ARG A 362 -5.95 16.34 35.73
N ASN A 363 -6.98 16.66 34.93
CA ASN A 363 -8.35 16.37 35.31
C ASN A 363 -8.62 14.86 35.35
N ARG A 364 -8.14 14.12 34.34
CA ARG A 364 -8.29 12.66 34.39
C ARG A 364 -7.57 12.06 35.59
N ARG A 365 -6.37 12.56 35.89
CA ARG A 365 -5.69 12.16 37.11
C ARG A 365 -6.67 12.20 38.27
N LYS A 366 -7.34 13.35 38.47
CA LYS A 366 -8.24 13.48 39.62
C LYS A 366 -9.43 12.51 39.55
N ALA A 367 -9.95 12.28 38.35
CA ALA A 367 -11.10 11.40 38.19
C ALA A 367 -10.82 10.01 38.77
N LEU A 368 -9.72 9.38 38.39
CA LEU A 368 -9.50 8.06 39.00
C LEU A 368 -8.78 8.09 40.34
N LYS A 369 -8.42 9.27 40.85
CA LYS A 369 -7.74 9.55 42.12
C LYS A 369 -6.24 9.19 42.01
N LYS A 370 -5.72 8.88 40.81
CA LYS A 370 -4.28 8.62 40.58
C LYS A 370 -3.38 9.67 41.24
N MET B 1 17.96 -17.15 9.89
CA MET B 1 18.83 -16.08 9.40
C MET B 1 20.27 -16.57 9.20
N PHE B 2 20.82 -16.31 8.01
CA PHE B 2 22.23 -16.62 7.76
C PHE B 2 23.15 -15.68 8.54
N ILE B 3 22.94 -14.40 8.40
CA ILE B 3 23.51 -13.40 9.27
C ILE B 3 22.50 -13.21 10.40
N LYS B 4 22.96 -13.25 11.64
CA LYS B 4 22.04 -13.19 12.78
C LYS B 4 22.26 -11.93 13.60
N ASN B 5 21.17 -11.24 13.91
CA ASN B 5 21.36 -10.01 14.66
C ASN B 5 21.52 -10.42 16.10
N ASP B 6 22.78 -10.47 16.53
CA ASP B 6 23.10 -10.91 17.89
C ASP B 6 22.42 -10.02 18.93
N HIS B 7 22.07 -8.79 18.59
CA HIS B 7 21.53 -7.81 19.53
C HIS B 7 20.01 -7.70 19.49
N ALA B 8 19.31 -8.73 19.03
CA ALA B 8 17.86 -8.65 18.96
C ALA B 8 17.24 -8.42 20.34
N GLY B 9 16.43 -7.37 20.48
CA GLY B 9 15.63 -7.19 21.69
C GLY B 9 16.17 -6.20 22.70
N ASP B 10 17.49 -6.08 22.84
CA ASP B 10 18.08 -4.93 23.50
C ASP B 10 17.43 -3.64 23.04
N ARG B 11 16.88 -2.89 23.97
CA ARG B 11 16.25 -1.65 23.56
C ARG B 11 17.16 -0.45 23.74
N LYS B 12 18.48 -0.69 23.75
CA LYS B 12 19.45 0.38 23.83
C LYS B 12 20.20 0.57 22.51
N ARG B 13 19.95 -0.28 21.51
CA ARG B 13 20.38 0.03 20.17
C ARG B 13 19.40 0.95 19.46
N LEU B 14 19.95 1.93 18.73
CA LEU B 14 19.13 2.85 17.96
C LEU B 14 18.19 2.12 17.03
N GLU B 15 18.58 0.96 16.54
CA GLU B 15 17.84 0.36 15.46
C GLU B 15 18.09 -1.13 15.46
N ASP B 16 17.20 -1.82 14.77
CA ASP B 16 17.32 -3.22 14.40
C ASP B 16 17.12 -4.18 15.54
N TRP B 17 16.90 -3.70 16.77
CA TRP B 17 16.72 -4.64 17.87
C TRP B 17 15.50 -5.53 17.71
N ARG B 18 14.65 -5.21 16.72
CA ARG B 18 13.51 -6.03 16.34
C ARG B 18 13.78 -6.88 15.13
N ILE B 19 15.03 -6.93 14.67
CA ILE B 19 15.37 -7.63 13.45
C ILE B 19 16.10 -8.90 13.87
N LYS B 20 15.65 -10.04 13.34
CA LYS B 20 16.30 -11.30 13.70
C LYS B 20 17.60 -11.52 12.97
N GLY B 21 17.57 -11.26 11.68
CA GLY B 21 18.77 -11.33 10.87
C GLY B 21 18.41 -11.24 9.41
N TYR B 22 19.34 -11.68 8.59
CA TYR B 22 19.11 -11.67 7.16
C TYR B 22 19.48 -13.02 6.57
N ASP B 23 18.88 -13.31 5.42
CA ASP B 23 19.29 -14.42 4.60
C ASP B 23 19.70 -13.88 3.24
N PRO B 24 20.73 -14.46 2.62
CA PRO B 24 21.03 -14.11 1.22
C PRO B 24 19.84 -14.25 0.29
N LEU B 25 19.78 -13.35 -0.67
CA LEU B 25 18.73 -13.30 -1.68
C LEU B 25 19.39 -13.24 -3.04
N THR B 26 18.68 -13.75 -4.02
CA THR B 26 19.18 -13.76 -5.39
C THR B 26 18.75 -12.50 -6.12
N PRO B 27 19.67 -11.77 -6.74
CA PRO B 27 19.28 -10.63 -7.53
C PRO B 27 18.44 -11.10 -8.70
N PRO B 28 17.55 -10.26 -9.19
CA PRO B 28 16.82 -10.60 -10.42
C PRO B 28 17.73 -10.89 -11.62
N ASP B 29 18.94 -10.31 -11.72
CA ASP B 29 19.79 -10.72 -12.82
C ASP B 29 19.91 -12.19 -12.88
N LEU B 30 20.44 -12.77 -11.82
CA LEU B 30 20.86 -14.15 -11.92
C LEU B 30 19.69 -15.02 -12.30
N LEU B 31 18.53 -14.73 -11.75
CA LEU B 31 17.37 -15.52 -12.08
C LEU B 31 16.96 -15.31 -13.53
N GLN B 32 17.04 -14.05 -13.99
CA GLN B 32 16.58 -13.72 -15.34
C GLN B 32 17.49 -14.33 -16.40
N HIS B 33 18.75 -14.53 -16.03
CA HIS B 33 19.73 -15.25 -16.83
C HIS B 33 19.48 -16.77 -16.76
N GLU B 34 19.15 -17.27 -15.56
CA GLU B 34 18.93 -18.69 -15.34
C GLU B 34 17.65 -19.16 -15.99
N PHE B 35 16.57 -18.42 -15.77
CA PHE B 35 15.25 -18.72 -16.33
C PHE B 35 14.94 -17.65 -17.36
N PRO B 36 15.45 -17.78 -18.58
CA PRO B 36 15.05 -16.83 -19.60
C PRO B 36 13.69 -17.25 -20.14
N ILE B 37 13.16 -16.42 -21.01
CA ILE B 37 11.91 -16.72 -21.68
C ILE B 37 12.25 -17.17 -23.09
N SER B 38 11.62 -18.26 -23.50
CA SER B 38 11.65 -18.71 -24.88
C SER B 38 11.03 -17.69 -25.79
N ALA B 39 11.53 -17.63 -27.02
CA ALA B 39 10.97 -16.71 -28.00
C ALA B 39 9.48 -16.97 -28.21
N LYS B 40 9.01 -18.23 -28.15
CA LYS B 40 7.58 -18.45 -28.30
C LYS B 40 6.81 -17.80 -27.17
N GLY B 41 7.23 -18.04 -25.94
CA GLY B 41 6.63 -17.35 -24.81
C GLY B 41 6.77 -15.84 -24.93
N GLU B 42 7.92 -15.39 -25.40
CA GLU B 42 8.11 -13.97 -25.67
C GLU B 42 7.03 -13.43 -26.59
N GLU B 43 6.83 -14.11 -27.72
CA GLU B 43 5.90 -13.67 -28.73
C GLU B 43 4.47 -13.66 -28.20
N ASN B 44 4.06 -14.77 -27.60
CA ASN B 44 2.80 -14.82 -26.85
C ASN B 44 2.62 -13.55 -26.02
N ILE B 45 3.60 -13.24 -25.16
CA ILE B 45 3.43 -12.11 -24.26
C ILE B 45 3.22 -10.82 -25.04
N ILE B 46 4.13 -10.50 -25.97
CA ILE B 46 4.09 -9.18 -26.57
C ILE B 46 2.79 -9.00 -27.35
N LYS B 47 2.50 -9.91 -28.29
CA LYS B 47 1.26 -9.79 -29.06
C LYS B 47 0.03 -9.76 -28.15
N ALA B 48 0.09 -10.47 -27.02
CA ALA B 48 -0.98 -10.45 -26.03
C ALA B 48 -1.17 -9.04 -25.49
N ARG B 49 -0.10 -8.45 -24.99
CA ARG B 49 -0.17 -7.12 -24.43
C ARG B 49 -0.80 -6.16 -25.43
N ASP B 50 -0.26 -6.17 -26.66
CA ASP B 50 -0.74 -5.22 -27.65
C ASP B 50 -2.21 -5.38 -27.88
N SER B 51 -2.67 -6.63 -28.09
CA SER B 51 -4.07 -6.89 -28.36
C SER B 51 -4.95 -6.40 -27.22
N VAL B 52 -4.49 -6.61 -26.00
CA VAL B 52 -5.19 -6.04 -24.86
C VAL B 52 -5.30 -4.54 -25.02
N CYS B 53 -4.16 -3.89 -25.27
CA CYS B 53 -4.15 -2.44 -25.41
C CYS B 53 -5.01 -2.01 -26.59
N ASP B 54 -5.19 -2.89 -27.55
CA ASP B 54 -6.08 -2.60 -28.65
C ASP B 54 -7.50 -2.56 -28.14
N ILE B 55 -7.91 -3.63 -27.46
CA ILE B 55 -9.28 -3.74 -26.94
C ILE B 55 -9.59 -2.53 -26.09
N LEU B 56 -8.60 -2.09 -25.30
CA LEU B 56 -8.77 -0.91 -24.47
C LEU B 56 -9.06 0.34 -25.30
N ASN B 57 -8.37 0.49 -26.40
CA ASN B 57 -8.44 1.76 -27.09
C ASN B 57 -9.66 1.87 -27.99
N GLY B 58 -10.58 0.92 -27.93
CA GLY B 58 -11.70 0.82 -28.85
C GLY B 58 -11.36 0.16 -30.18
N LYS B 59 -10.13 -0.32 -30.31
CA LYS B 59 -9.58 -0.82 -31.55
C LYS B 59 -10.09 -2.21 -31.89
N ASP B 60 -10.29 -3.06 -30.89
CA ASP B 60 -10.76 -4.42 -31.06
C ASP B 60 -12.05 -4.60 -30.28
N ASP B 61 -13.04 -5.24 -30.89
CA ASP B 61 -14.34 -5.47 -30.24
C ASP B 61 -14.38 -6.79 -29.48
N ARG B 62 -13.24 -7.46 -29.31
CA ARG B 62 -13.22 -8.70 -28.55
C ARG B 62 -13.46 -8.39 -27.06
N LEU B 63 -13.37 -9.42 -26.21
CA LEU B 63 -13.55 -9.20 -24.78
C LEU B 63 -12.49 -9.96 -24.01
N VAL B 64 -11.88 -9.30 -22.99
CA VAL B 64 -10.76 -9.87 -22.24
C VAL B 64 -11.29 -10.64 -21.05
N ILE B 65 -10.75 -11.84 -20.84
CA ILE B 65 -11.19 -12.73 -19.79
C ILE B 65 -9.96 -13.10 -18.98
N VAL B 66 -9.90 -12.61 -17.77
CA VAL B 66 -8.84 -13.00 -16.84
C VAL B 66 -9.48 -14.07 -15.97
N ILE B 67 -9.01 -15.30 -16.07
CA ILE B 67 -9.67 -16.40 -15.39
C ILE B 67 -8.62 -17.38 -14.93
N GLY B 68 -8.92 -18.02 -13.81
CA GLY B 68 -8.05 -19.07 -13.36
C GLY B 68 -8.12 -19.31 -11.88
N PRO B 69 -7.20 -20.12 -11.37
CA PRO B 69 -7.17 -20.35 -9.92
C PRO B 69 -6.92 -19.03 -9.25
N CYS B 70 -7.61 -18.71 -8.18
CA CYS B 70 -7.26 -17.49 -7.45
C CYS B 70 -5.86 -17.61 -6.88
N SER B 71 -5.48 -18.75 -6.34
CA SER B 71 -4.03 -18.80 -6.26
C SER B 71 -3.50 -20.10 -6.83
N LEU B 72 -2.24 -20.06 -7.24
CA LEU B 72 -1.55 -21.21 -7.79
C LEU B 72 -0.66 -21.78 -6.70
N HIS B 73 -0.82 -23.06 -6.42
CA HIS B 73 -0.04 -23.74 -5.38
C HIS B 73 0.62 -25.01 -5.88
N ASP B 74 0.16 -25.60 -7.00
CA ASP B 74 0.75 -26.86 -7.46
C ASP B 74 1.03 -26.82 -8.97
N PRO B 75 2.31 -26.94 -9.38
CA PRO B 75 2.68 -26.66 -10.79
C PRO B 75 2.05 -27.58 -11.82
N LYS B 76 2.14 -28.88 -11.57
CA LYS B 76 1.58 -29.89 -12.47
C LYS B 76 0.12 -29.55 -12.80
N ALA B 77 -0.62 -29.12 -11.78
CA ALA B 77 -1.98 -28.65 -11.98
C ALA B 77 -2.01 -27.43 -12.89
N ALA B 78 -0.98 -26.58 -12.82
CA ALA B 78 -0.95 -25.40 -13.68
C ALA B 78 -0.76 -25.78 -15.14
N TYR B 79 0.11 -26.76 -15.41
CA TYR B 79 0.24 -27.23 -16.80
C TYR B 79 -1.04 -27.92 -17.27
N ASP B 80 -1.71 -28.66 -16.39
CA ASP B 80 -2.98 -29.29 -16.76
C ASP B 80 -4.02 -28.23 -17.13
N TYR B 81 -4.19 -27.23 -16.26
CA TYR B 81 -5.17 -26.16 -16.50
C TYR B 81 -4.80 -25.31 -17.71
N ALA B 82 -3.50 -25.09 -17.93
CA ALA B 82 -3.05 -24.27 -19.04
C ALA B 82 -3.25 -24.96 -20.37
N ASP B 83 -3.03 -26.28 -20.42
CA ASP B 83 -3.25 -27.01 -21.67
C ASP B 83 -4.73 -27.18 -21.98
N ARG B 84 -5.54 -27.50 -20.95
CA ARG B 84 -7.00 -27.56 -21.10
C ARG B 84 -7.58 -26.21 -21.57
N LEU B 85 -7.04 -25.11 -21.02
CA LEU B 85 -7.50 -23.78 -21.38
C LEU B 85 -7.00 -23.36 -22.77
N ALA B 86 -5.76 -23.72 -23.13
CA ALA B 86 -5.27 -23.46 -24.49
C ALA B 86 -6.10 -24.22 -25.53
N LYS B 87 -6.62 -25.40 -25.16
CA LYS B 87 -7.63 -26.04 -26.00
C LYS B 87 -8.82 -25.10 -26.22
N ILE B 88 -9.53 -24.75 -25.15
CA ILE B 88 -10.77 -24.02 -25.40
C ILE B 88 -10.48 -22.63 -26.01
N SER B 89 -9.33 -22.02 -25.69
CA SER B 89 -8.96 -20.73 -26.26
C SER B 89 -8.67 -20.84 -27.75
N GLU B 90 -7.88 -21.86 -28.15
CA GLU B 90 -7.80 -22.23 -29.56
C GLU B 90 -9.17 -22.19 -30.21
N LYS B 91 -10.17 -22.77 -29.52
CA LYS B 91 -11.51 -22.79 -30.11
C LYS B 91 -12.08 -21.37 -30.25
N LEU B 92 -11.84 -20.51 -29.29
CA LEU B 92 -12.41 -19.17 -29.36
C LEU B 92 -11.43 -18.10 -29.82
N SER B 93 -10.55 -18.44 -30.77
CA SER B 93 -9.47 -17.52 -31.10
C SER B 93 -9.99 -16.22 -31.69
N LYS B 94 -11.20 -16.22 -32.22
CA LYS B 94 -11.69 -15.03 -32.92
C LYS B 94 -12.59 -14.17 -32.06
N ASP B 95 -12.89 -14.56 -30.83
CA ASP B 95 -13.77 -13.74 -30.01
C ASP B 95 -13.09 -13.36 -28.73
N LEU B 96 -13.17 -14.19 -27.72
CA LEU B 96 -12.53 -13.82 -26.48
C LEU B 96 -11.02 -13.73 -26.67
N LEU B 97 -10.37 -12.87 -25.86
CA LEU B 97 -8.91 -12.88 -25.65
C LEU B 97 -8.69 -13.28 -24.20
N ILE B 98 -8.54 -14.56 -23.97
CA ILE B 98 -8.53 -15.10 -22.60
C ILE B 98 -7.11 -15.06 -22.08
N ILE B 99 -6.96 -14.70 -20.81
CA ILE B 99 -5.66 -14.65 -20.16
C ILE B 99 -5.78 -15.32 -18.79
N MET B 100 -4.74 -16.05 -18.41
CA MET B 100 -4.82 -16.91 -17.23
C MET B 100 -4.54 -16.19 -15.93
N ARG B 101 -5.23 -16.60 -14.89
CA ARG B 101 -5.04 -16.05 -13.57
C ARG B 101 -3.84 -16.72 -12.91
N ALA B 102 -2.65 -16.26 -13.22
CA ALA B 102 -1.47 -16.67 -12.50
C ALA B 102 -1.29 -15.79 -11.25
N TYR B 103 -1.77 -16.26 -10.11
CA TYR B 103 -1.61 -15.56 -8.85
C TYR B 103 -0.83 -16.47 -7.92
N LEU B 104 0.19 -15.94 -7.24
CA LEU B 104 1.02 -16.77 -6.37
C LEU B 104 0.68 -16.60 -4.90
N GLU B 105 -0.33 -15.82 -4.56
CA GLU B 105 -0.69 -15.55 -3.17
C GLU B 105 -2.12 -15.01 -3.10
N LYS B 106 -2.76 -15.23 -1.94
CA LYS B 106 -3.89 -14.40 -1.52
C LYS B 106 -3.50 -13.50 -0.35
N PRO B 107 -3.42 -12.18 -0.54
CA PRO B 107 -3.17 -11.30 0.61
C PRO B 107 -4.26 -11.48 1.65
N ARG B 108 -3.85 -11.47 2.91
CA ARG B 108 -4.79 -11.70 3.99
C ARG B 108 -4.44 -10.83 5.18
N THR B 109 -5.47 -10.64 6.01
CA THR B 109 -5.40 -10.03 7.34
C THR B 109 -5.04 -11.07 8.40
N THR B 110 -5.41 -12.33 8.17
CA THR B 110 -5.26 -13.43 9.11
C THR B 110 -4.13 -14.37 8.68
N VAL B 111 -3.49 -14.98 9.68
CA VAL B 111 -2.31 -15.81 9.46
C VAL B 111 -2.62 -16.98 8.52
N GLY B 112 -1.63 -17.39 7.75
CA GLY B 112 -1.77 -18.58 6.93
C GLY B 112 -0.54 -18.83 6.09
N TRP B 113 -0.71 -19.68 5.08
CA TRP B 113 0.27 -19.81 4.01
C TRP B 113 0.45 -18.45 3.34
N LYS B 114 1.70 -18.05 3.13
CA LYS B 114 1.97 -16.68 2.71
C LYS B 114 2.14 -16.54 1.20
N GLY B 115 1.68 -17.50 0.41
CA GLY B 115 1.82 -17.44 -1.02
C GLY B 115 2.92 -18.34 -1.54
N LEU B 116 2.85 -18.64 -2.83
CA LEU B 116 3.82 -19.55 -3.42
C LEU B 116 5.24 -19.04 -3.24
N ILE B 117 5.41 -17.73 -3.24
CA ILE B 117 6.73 -17.13 -3.22
C ILE B 117 7.35 -17.25 -1.83
N ASN B 118 6.55 -16.96 -0.80
CA ASN B 118 7.02 -16.91 0.59
C ASN B 118 7.26 -18.31 1.16
N ASP B 119 6.22 -19.15 1.12
CA ASP B 119 6.28 -20.51 1.65
C ASP B 119 6.30 -21.53 0.54
N PRO B 120 7.46 -22.02 0.12
CA PRO B 120 7.52 -22.90 -1.04
C PRO B 120 7.22 -24.34 -0.72
N ASP B 121 7.57 -24.80 0.47
CA ASP B 121 7.15 -26.13 0.85
C ASP B 121 5.85 -26.10 1.62
N MET B 122 5.25 -24.91 1.80
CA MET B 122 3.96 -24.69 2.48
C MET B 122 3.91 -24.98 4.00
N ASN B 123 5.04 -25.05 4.72
CA ASN B 123 5.11 -25.41 6.13
C ASN B 123 5.67 -24.27 6.97
N ASN B 124 5.63 -23.06 6.42
CA ASN B 124 6.14 -21.86 7.05
C ASN B 124 7.65 -21.97 7.29
N SER B 125 8.37 -22.62 6.35
CA SER B 125 9.84 -22.68 6.35
C SER B 125 10.46 -21.35 5.89
N PHE B 126 9.79 -20.72 4.94
CA PHE B 126 10.20 -19.44 4.38
C PHE B 126 11.48 -19.36 3.55
N GLN B 127 11.91 -20.44 2.94
CA GLN B 127 13.10 -20.37 2.10
C GLN B 127 12.56 -19.86 0.79
N ILE B 128 12.21 -18.59 0.81
CA ILE B 128 11.56 -17.92 -0.29
C ILE B 128 12.40 -17.92 -1.50
N ASN B 129 13.69 -18.06 -1.30
CA ASN B 129 14.58 -18.05 -2.41
C ASN B 129 14.15 -19.15 -3.36
N LYS B 130 13.88 -20.33 -2.84
CA LYS B 130 13.44 -21.41 -3.71
C LYS B 130 12.10 -21.05 -4.31
N GLY B 131 11.19 -20.61 -3.47
CA GLY B 131 9.87 -20.18 -3.88
C GLY B 131 9.91 -19.45 -5.21
N LEU B 132 10.69 -18.37 -5.22
CA LEU B 132 10.92 -17.63 -6.46
C LEU B 132 11.37 -18.52 -7.59
N ARG B 133 12.37 -19.35 -7.32
CA ARG B 133 13.01 -20.17 -8.36
C ARG B 133 11.95 -20.96 -9.13
N ILE B 134 11.35 -21.89 -8.39
CA ILE B 134 10.37 -22.76 -8.99
C ILE B 134 9.21 -21.94 -9.56
N SER B 135 8.86 -20.82 -8.91
CA SER B 135 7.70 -20.04 -9.32
C SER B 135 7.92 -19.37 -10.68
N ARG B 136 9.12 -18.83 -10.87
CA ARG B 136 9.50 -18.17 -12.14
C ARG B 136 9.62 -19.24 -13.23
N GLU B 137 10.19 -20.40 -12.88
CA GLU B 137 10.33 -21.48 -13.84
C GLU B 137 8.97 -21.88 -14.40
N MET B 138 7.98 -21.95 -13.51
CA MET B 138 6.63 -22.30 -13.97
C MET B 138 6.15 -21.32 -15.03
N PHE B 139 6.56 -20.06 -14.95
CA PHE B 139 6.15 -19.09 -15.96
C PHE B 139 6.91 -19.26 -17.26
N ILE B 140 8.21 -19.55 -17.19
CA ILE B 140 8.94 -19.82 -18.45
C ILE B 140 8.37 -21.05 -19.14
N LYS B 141 7.65 -21.89 -18.39
CA LYS B 141 6.88 -22.96 -19.02
C LYS B 141 5.48 -22.54 -19.46
N LEU B 142 4.77 -21.72 -18.69
CA LEU B 142 3.39 -21.41 -19.03
C LEU B 142 3.31 -20.49 -20.25
N VAL B 143 4.18 -19.47 -20.31
CA VAL B 143 4.07 -18.43 -21.34
C VAL B 143 4.20 -19.00 -22.75
N GLU B 144 4.71 -20.22 -22.87
CA GLU B 144 4.75 -20.92 -24.14
C GLU B 144 3.36 -21.45 -24.50
N LYS B 145 2.53 -21.66 -23.49
CA LYS B 145 1.20 -22.21 -23.63
C LYS B 145 0.14 -21.14 -23.84
N LEU B 146 0.16 -20.06 -23.05
CA LEU B 146 -0.86 -19.02 -23.11
C LEU B 146 -0.38 -17.81 -22.30
N PRO B 147 -0.94 -16.61 -22.55
CA PRO B 147 -0.61 -15.45 -21.72
C PRO B 147 -1.23 -15.51 -20.33
N ILE B 148 -0.47 -14.96 -19.37
CA ILE B 148 -0.76 -15.01 -17.95
C ILE B 148 -0.82 -13.59 -17.40
N ALA B 149 -1.40 -13.49 -16.23
CA ALA B 149 -1.67 -12.20 -15.63
C ALA B 149 -1.36 -12.33 -14.15
N GLY B 150 -0.57 -11.41 -13.60
CA GLY B 150 -0.30 -11.40 -12.19
C GLY B 150 -0.97 -10.21 -11.56
N GLU B 151 -1.03 -10.24 -10.23
CA GLU B 151 -1.43 -9.09 -9.45
C GLU B 151 -0.23 -8.57 -8.68
N MET B 152 -0.07 -7.27 -8.77
CA MET B 152 1.03 -6.57 -8.17
C MET B 152 0.82 -6.24 -6.72
N LEU B 153 1.91 -6.27 -5.98
CA LEU B 153 1.98 -5.92 -4.61
C LEU B 153 3.28 -5.50 -3.99
N ASP B 154 4.27 -6.38 -4.09
CA ASP B 154 5.60 -6.11 -3.56
C ASP B 154 6.40 -5.40 -4.62
N THR B 155 6.58 -4.11 -4.49
CA THR B 155 7.24 -3.40 -5.54
C THR B 155 8.45 -4.23 -5.85
N ILE B 156 9.09 -4.72 -4.83
CA ILE B 156 10.26 -5.54 -5.03
C ILE B 156 10.04 -6.87 -5.75
N SER B 157 8.94 -7.56 -5.50
CA SER B 157 8.73 -8.90 -6.07
C SER B 157 8.58 -8.94 -7.60
N PRO B 158 7.89 -7.99 -8.31
CA PRO B 158 7.78 -8.16 -9.77
C PRO B 158 9.07 -8.18 -10.52
N GLN B 159 10.09 -7.50 -10.02
CA GLN B 159 11.38 -7.37 -10.71
C GLN B 159 11.80 -8.71 -11.25
N PHE B 160 11.53 -9.73 -10.45
CA PHE B 160 11.83 -11.09 -10.76
C PHE B 160 10.81 -11.68 -11.76
N LEU B 161 9.54 -11.30 -11.63
CA LEU B 161 8.48 -11.81 -12.49
C LEU B 161 7.56 -10.99 -13.47
N SER B 162 8.06 -9.85 -13.89
CA SER B 162 7.33 -8.96 -14.78
C SER B 162 7.41 -9.26 -16.26
N ASP B 163 8.57 -9.69 -16.73
CA ASP B 163 8.75 -10.03 -18.12
C ASP B 163 7.78 -11.10 -18.63
N CYS B 164 7.08 -11.80 -17.72
CA CYS B 164 6.16 -12.85 -18.09
C CYS B 164 4.70 -12.39 -18.19
N PHE B 165 4.32 -11.40 -17.41
CA PHE B 165 2.97 -10.90 -17.46
C PHE B 165 2.68 -10.25 -18.80
N SER B 166 1.51 -10.54 -19.36
CA SER B 166 1.00 -9.63 -20.38
C SER B 166 -0.07 -8.69 -19.84
N LEU B 167 -0.60 -8.95 -18.65
CA LEU B 167 -1.38 -7.92 -17.96
C LEU B 167 -1.14 -8.04 -16.45
N GLY B 168 -1.46 -6.96 -15.73
CA GLY B 168 -1.42 -6.99 -14.29
C GLY B 168 -2.63 -6.32 -13.66
N ALA B 169 -2.88 -6.69 -12.41
CA ALA B 169 -3.95 -6.17 -11.57
C ALA B 169 -3.40 -5.67 -10.23
N ILE B 170 -4.16 -4.77 -9.59
CA ILE B 170 -3.81 -4.11 -8.32
C ILE B 170 -4.92 -4.33 -7.31
N GLY B 171 -4.56 -4.71 -6.08
CA GLY B 171 -5.56 -5.02 -5.08
C GLY B 171 -6.11 -3.81 -4.34
N ALA B 172 -7.31 -4.03 -3.76
CA ALA B 172 -8.02 -2.96 -3.08
C ALA B 172 -7.21 -2.42 -1.91
N ARG B 173 -6.64 -3.31 -1.12
CA ARG B 173 -5.85 -2.90 0.03
C ARG B 173 -4.69 -2.02 -0.38
N THR B 174 -4.20 -2.23 -1.59
CA THR B 174 -3.01 -1.59 -2.05
C THR B 174 -3.28 -0.50 -3.08
N THR B 175 -4.52 -0.41 -3.58
CA THR B 175 -4.85 0.56 -4.63
C THR B 175 -4.67 2.02 -4.20
N GLU B 176 -4.69 2.34 -2.91
CA GLU B 176 -4.45 3.72 -2.48
C GLU B 176 -2.98 4.04 -2.28
N SER B 177 -2.16 2.99 -2.28
CA SER B 177 -0.73 3.07 -2.07
C SER B 177 -0.08 3.75 -3.27
N GLN B 178 0.41 4.97 -3.08
CA GLN B 178 1.21 5.61 -4.12
C GLN B 178 2.39 4.74 -4.56
N LEU B 179 2.91 3.92 -3.63
CA LEU B 179 3.88 2.93 -4.03
C LEU B 179 3.42 2.21 -5.27
N HIS B 180 2.28 1.54 -5.17
CA HIS B 180 1.89 0.66 -6.25
C HIS B 180 1.55 1.45 -7.50
N ARG B 181 0.89 2.59 -7.35
CA ARG B 181 0.54 3.36 -8.52
C ARG B 181 1.79 3.75 -9.31
N GLU B 182 2.86 4.18 -8.62
CA GLU B 182 4.17 4.29 -9.26
C GLU B 182 4.50 3.00 -9.99
N LEU B 183 4.43 1.88 -9.26
CA LEU B 183 4.90 0.61 -9.80
C LEU B 183 4.20 0.28 -11.13
N ALA B 184 2.91 0.55 -11.23
CA ALA B 184 2.19 0.36 -12.48
C ALA B 184 2.73 1.31 -13.53
N SER B 185 2.83 2.59 -13.18
CA SER B 185 3.42 3.55 -14.10
C SER B 185 4.82 3.16 -14.60
N GLY B 186 5.46 2.17 -13.99
CA GLY B 186 6.63 1.57 -14.60
C GLY B 186 6.40 0.31 -15.42
N LEU B 187 5.31 -0.40 -15.15
CA LEU B 187 5.20 -1.77 -15.64
C LEU B 187 5.09 -1.79 -17.15
N SER B 188 5.38 -2.95 -17.72
CA SER B 188 5.45 -3.08 -19.17
C SER B 188 4.24 -3.74 -19.77
N PHE B 189 3.04 -3.54 -19.21
CA PHE B 189 1.80 -4.14 -19.71
C PHE B 189 0.59 -3.40 -19.13
N PRO B 190 -0.63 -3.67 -19.57
CA PRO B 190 -1.79 -2.98 -19.01
C PRO B 190 -2.10 -3.49 -17.62
N ILE B 191 -2.74 -2.61 -16.85
CA ILE B 191 -2.95 -2.79 -15.42
C ILE B 191 -4.38 -2.41 -15.08
N GLY B 192 -5.02 -3.25 -14.27
CA GLY B 192 -6.38 -3.05 -13.79
C GLY B 192 -6.46 -2.87 -12.29
N PHE B 193 -6.96 -1.70 -11.87
CA PHE B 193 -7.07 -1.38 -10.45
C PHE B 193 -8.40 -1.88 -9.91
N LYS B 194 -8.40 -2.57 -8.76
CA LYS B 194 -9.64 -2.99 -8.11
C LYS B 194 -10.21 -1.84 -7.28
N ASN B 195 -11.54 -1.70 -7.30
CA ASN B 195 -12.20 -0.62 -6.58
C ASN B 195 -12.31 -0.94 -5.08
N GLY B 196 -12.23 0.11 -4.27
CA GLY B 196 -11.93 0.03 -2.85
C GLY B 196 -12.80 -0.94 -2.09
N THR B 197 -12.31 -1.37 -0.92
CA THR B 197 -13.02 -2.37 -0.12
C THR B 197 -14.47 -1.97 0.14
N ASP B 198 -14.72 -0.69 0.45
CA ASP B 198 -16.09 -0.20 0.61
C ASP B 198 -16.82 -0.06 -0.70
N GLY B 199 -16.19 -0.34 -1.84
CA GLY B 199 -16.77 -0.14 -3.14
C GLY B 199 -16.20 1.03 -3.92
N GLY B 200 -15.63 2.03 -3.24
CA GLY B 200 -15.35 3.31 -3.84
C GLY B 200 -14.79 3.22 -5.24
N LEU B 201 -15.35 4.01 -6.17
CA LEU B 201 -14.72 4.15 -7.47
C LEU B 201 -13.55 5.14 -7.44
N GLN B 202 -13.67 6.20 -6.64
CA GLN B 202 -12.73 7.30 -6.69
C GLN B 202 -11.31 6.82 -6.52
N VAL B 203 -11.12 5.82 -5.68
CA VAL B 203 -9.76 5.32 -5.48
C VAL B 203 -9.18 4.81 -6.79
N ALA B 204 -10.00 4.13 -7.60
CA ALA B 204 -9.52 3.56 -8.86
C ALA B 204 -9.33 4.62 -9.94
N ILE B 205 -10.27 5.56 -10.04
CA ILE B 205 -10.06 6.73 -10.88
C ILE B 205 -8.73 7.39 -10.56
N ASP B 206 -8.48 7.61 -9.27
CA ASP B 206 -7.28 8.27 -8.84
C ASP B 206 -6.05 7.45 -9.14
N ALA B 207 -6.15 6.15 -9.04
CA ALA B 207 -5.01 5.33 -9.38
C ALA B 207 -4.68 5.39 -10.86
N MET B 208 -5.68 5.31 -11.74
CA MET B 208 -5.41 5.44 -13.16
C MET B 208 -4.77 6.78 -13.47
N ARG B 209 -5.42 7.85 -13.04
CA ARG B 209 -4.88 9.18 -13.20
C ARG B 209 -3.43 9.25 -12.72
N ALA B 210 -3.16 8.81 -11.48
CA ALA B 210 -1.79 8.75 -10.98
C ALA B 210 -0.90 7.97 -11.94
N ALA B 211 -1.24 6.69 -12.19
CA ALA B 211 -0.38 5.78 -12.92
C ALA B 211 -0.05 6.28 -14.30
N ALA B 212 -0.88 7.15 -14.86
CA ALA B 212 -0.56 7.69 -16.17
C ALA B 212 0.57 8.71 -16.10
N HIS B 213 0.61 9.51 -15.04
CA HIS B 213 1.70 10.47 -14.97
C HIS B 213 3.06 9.81 -14.86
N GLU B 214 4.07 10.61 -15.15
CA GLU B 214 5.45 10.21 -15.02
C GLU B 214 5.87 10.28 -13.55
N HIS B 215 6.58 9.25 -13.07
CA HIS B 215 6.95 9.24 -11.64
C HIS B 215 8.43 8.97 -11.37
N TYR B 216 8.89 9.40 -10.22
CA TYR B 216 10.21 9.05 -9.74
C TYR B 216 10.11 8.49 -8.34
N PHE B 217 10.78 7.37 -8.11
CA PHE B 217 10.75 6.78 -6.78
C PHE B 217 11.94 5.85 -6.60
N LEU B 218 12.19 5.46 -5.34
CA LEU B 218 13.23 4.47 -5.05
C LEU B 218 12.73 3.10 -5.47
N SER B 219 13.52 2.38 -6.23
CA SER B 219 13.13 1.01 -6.50
C SER B 219 14.37 0.16 -6.60
N VAL B 220 14.12 -1.12 -6.78
CA VAL B 220 15.14 -2.14 -6.78
C VAL B 220 15.42 -2.47 -8.23
N THR B 221 16.71 -2.48 -8.58
CA THR B 221 17.16 -2.69 -9.94
C THR B 221 17.30 -4.18 -10.20
N LYS B 222 17.58 -4.53 -11.46
CA LYS B 222 17.76 -5.94 -11.77
C LYS B 222 18.95 -6.55 -11.04
N PRO B 223 20.07 -5.82 -10.81
CA PRO B 223 21.16 -6.35 -9.98
C PRO B 223 20.95 -6.33 -8.47
N GLY B 224 19.69 -6.43 -8.01
CA GLY B 224 19.37 -6.51 -6.59
C GLY B 224 19.77 -5.32 -5.71
N VAL B 225 20.03 -4.15 -6.30
CA VAL B 225 20.51 -2.98 -5.55
C VAL B 225 19.60 -1.81 -5.81
N THR B 226 19.69 -0.81 -4.96
CA THR B 226 18.73 0.27 -4.95
C THR B 226 19.14 1.44 -5.83
N ALA B 227 18.19 1.94 -6.59
CA ALA B 227 18.46 3.19 -7.28
C ALA B 227 17.18 4.01 -7.34
N ILE B 228 17.32 5.18 -7.90
CA ILE B 228 16.19 6.01 -8.24
C ILE B 228 15.69 5.65 -9.63
N VAL B 229 14.40 5.42 -9.77
CA VAL B 229 13.81 4.98 -11.02
C VAL B 229 12.91 6.09 -11.55
N GLY B 230 12.85 6.20 -12.88
CA GLY B 230 11.94 7.11 -13.54
C GLY B 230 10.99 6.29 -14.41
N THR B 231 9.71 6.56 -14.27
CA THR B 231 8.68 5.86 -15.02
C THR B 231 8.07 6.82 -16.03
N GLU B 232 8.25 6.49 -17.30
CA GLU B 232 7.55 7.15 -18.39
C GLU B 232 6.05 7.17 -18.16
N GLY B 233 5.52 6.20 -17.44
CA GLY B 233 4.10 6.22 -17.14
C GLY B 233 3.38 5.16 -17.96
N ASN B 234 2.10 5.01 -17.63
CA ASN B 234 1.29 3.94 -18.22
C ASN B 234 -0.16 4.42 -18.32
N LYS B 235 -0.56 4.81 -19.54
CA LYS B 235 -1.89 5.34 -19.86
C LYS B 235 -2.92 4.26 -20.22
N ASP B 236 -2.47 3.05 -20.56
CA ASP B 236 -3.34 1.93 -20.94
C ASP B 236 -3.77 1.16 -19.70
N THR B 237 -4.47 1.88 -18.82
CA THR B 237 -4.97 1.41 -17.54
C THR B 237 -6.50 1.31 -17.58
N PHE B 238 -7.08 0.45 -16.74
CA PHE B 238 -8.53 0.29 -16.71
C PHE B 238 -8.96 0.09 -15.26
N LEU B 239 -10.27 -0.17 -15.07
CA LEU B 239 -10.93 -0.30 -13.77
C LEU B 239 -11.62 -1.63 -13.66
N ILE B 240 -11.55 -2.24 -12.50
CA ILE B 240 -12.18 -3.52 -12.28
C ILE B 240 -13.27 -3.37 -11.22
N LEU B 241 -14.52 -3.44 -11.63
CA LEU B 241 -15.61 -3.38 -10.66
C LEU B 241 -15.53 -4.65 -9.80
N ARG B 242 -15.51 -4.50 -8.47
CA ARG B 242 -15.44 -5.69 -7.59
C ARG B 242 -16.27 -5.91 -6.30
N GLY B 243 -16.03 -5.10 -5.27
CA GLY B 243 -16.58 -5.24 -3.91
C GLY B 243 -18.01 -5.22 -3.35
N GLY B 244 -18.18 -5.94 -2.24
CA GLY B 244 -19.42 -6.08 -1.50
C GLY B 244 -19.86 -5.52 -0.16
N LYS B 245 -19.01 -4.79 0.55
CA LYS B 245 -19.44 -4.26 1.84
C LYS B 245 -20.62 -3.35 1.55
N ASN B 246 -20.54 -2.61 0.45
CA ASN B 246 -21.65 -1.78 0.08
C ASN B 246 -22.56 -2.59 -0.81
N GLY B 247 -22.08 -3.75 -1.27
CA GLY B 247 -22.94 -4.59 -2.08
C GLY B 247 -22.30 -4.91 -3.41
N THR B 248 -23.10 -5.46 -4.31
CA THR B 248 -22.64 -5.88 -5.63
C THR B 248 -22.78 -4.75 -6.64
N ASN B 249 -21.69 -4.44 -7.35
CA ASN B 249 -21.67 -3.34 -8.31
C ASN B 249 -21.59 -3.82 -9.75
N PHE B 250 -21.97 -5.08 -10.02
CA PHE B 250 -21.98 -5.61 -11.36
C PHE B 250 -23.21 -5.20 -12.16
N ASP B 251 -24.30 -4.91 -11.47
CA ASP B 251 -25.54 -4.46 -12.08
C ASP B 251 -25.35 -3.36 -13.13
N LYS B 252 -26.17 -3.42 -14.18
CA LYS B 252 -25.97 -2.60 -15.37
C LYS B 252 -25.89 -1.11 -15.02
N GLU B 253 -26.82 -0.67 -14.18
CA GLU B 253 -26.83 0.70 -13.69
C GLU B 253 -25.49 1.10 -13.11
N SER B 254 -24.89 0.20 -12.34
CA SER B 254 -23.57 0.45 -11.78
C SER B 254 -22.56 0.70 -12.89
N VAL B 255 -22.61 -0.11 -13.95
CA VAL B 255 -21.70 0.03 -15.08
C VAL B 255 -21.86 1.39 -15.73
N GLN B 256 -23.10 1.82 -15.91
CA GLN B 256 -23.32 3.14 -16.46
C GLN B 256 -22.70 4.21 -15.57
N ASN B 257 -22.87 4.09 -14.24
CA ASN B 257 -22.26 5.07 -13.34
C ASN B 257 -20.75 5.11 -13.52
N THR B 258 -20.13 3.94 -13.47
CA THR B 258 -18.73 3.87 -13.83
C THR B 258 -18.44 4.66 -15.10
N LYS B 259 -19.25 4.48 -16.16
CA LYS B 259 -18.95 5.16 -17.42
C LYS B 259 -19.08 6.68 -17.29
N LYS B 260 -20.14 7.13 -16.60
CA LYS B 260 -20.40 8.57 -16.45
C LYS B 260 -19.28 9.24 -15.67
N GLN B 261 -18.80 8.60 -14.60
CA GLN B 261 -17.68 9.17 -13.87
C GLN B 261 -16.35 8.95 -14.59
N LEU B 262 -16.25 7.98 -15.50
CA LEU B 262 -15.04 7.80 -16.30
C LEU B 262 -14.89 8.88 -17.35
N GLU B 263 -15.97 9.27 -17.96
CA GLU B 263 -15.94 10.42 -18.85
C GLU B 263 -15.99 11.72 -18.07
N LYS B 264 -16.33 11.66 -16.79
CA LYS B 264 -16.18 12.76 -15.84
C LYS B 264 -14.72 12.91 -15.38
N ALA B 265 -13.86 11.94 -15.70
CA ALA B 265 -12.43 12.02 -15.35
C ALA B 265 -11.52 12.06 -16.56
N GLY B 266 -12.07 12.17 -17.77
CA GLY B 266 -11.24 12.08 -18.97
C GLY B 266 -10.55 10.76 -19.12
N LEU B 267 -10.97 9.75 -18.36
CA LEU B 267 -10.34 8.45 -18.30
C LEU B 267 -10.96 7.45 -19.26
N THR B 268 -12.10 7.79 -19.85
CA THR B 268 -12.57 7.06 -21.01
C THR B 268 -13.38 8.00 -21.88
N ASP B 269 -13.52 7.60 -23.13
CA ASP B 269 -14.48 8.20 -24.05
C ASP B 269 -15.38 7.10 -24.59
N ASP B 270 -16.34 7.51 -25.42
CA ASP B 270 -17.29 6.57 -25.95
C ASP B 270 -16.61 5.47 -26.76
N SER B 271 -15.46 5.78 -27.37
CA SER B 271 -14.77 4.78 -28.19
C SER B 271 -13.84 3.86 -27.40
N GLN B 272 -13.34 4.27 -26.23
CA GLN B 272 -12.43 3.45 -25.43
C GLN B 272 -13.18 2.60 -24.39
N LYS B 273 -12.67 1.38 -24.14
CA LYS B 273 -13.26 0.43 -23.17
C LYS B 273 -12.36 0.25 -21.96
N ARG B 274 -12.84 0.64 -20.77
CA ARG B 274 -11.97 0.64 -19.59
C ARG B 274 -12.60 -0.06 -18.37
N ILE B 275 -13.60 -0.93 -18.57
CA ILE B 275 -14.32 -1.52 -17.44
C ILE B 275 -14.12 -3.03 -17.45
N MET B 276 -13.61 -3.56 -16.35
CA MET B 276 -13.52 -4.99 -16.17
C MET B 276 -14.33 -5.33 -14.94
N ILE B 277 -15.08 -6.41 -15.03
CA ILE B 277 -15.93 -6.81 -13.92
C ILE B 277 -15.38 -8.06 -13.28
N ASP B 278 -15.16 -7.96 -11.98
CA ASP B 278 -14.65 -9.09 -11.26
C ASP B 278 -15.70 -9.71 -10.37
N CYS B 279 -16.18 -10.85 -10.83
CA CYS B 279 -17.16 -11.67 -10.10
C CYS B 279 -16.74 -12.43 -8.85
N SER B 280 -15.59 -13.04 -8.93
CA SER B 280 -15.09 -13.81 -7.81
C SER B 280 -14.77 -12.64 -6.94
N HIS B 281 -14.42 -12.90 -5.70
CA HIS B 281 -14.09 -11.85 -4.82
C HIS B 281 -15.42 -11.08 -4.56
N GLY B 282 -15.40 -9.81 -4.42
CA GLY B 282 -16.50 -9.02 -3.86
C GLY B 282 -18.00 -9.02 -4.22
N ASN B 283 -18.30 -9.28 -5.48
CA ASN B 283 -19.64 -9.29 -6.02
C ASN B 283 -20.29 -10.63 -5.79
N SER B 284 -19.49 -11.69 -5.75
CA SER B 284 -20.12 -12.96 -5.52
C SER B 284 -20.57 -13.16 -4.05
N ASN B 285 -20.40 -12.17 -3.16
CA ASN B 285 -20.62 -12.34 -1.70
C ASN B 285 -19.93 -13.59 -1.16
N LYS B 286 -18.78 -13.92 -1.75
CA LYS B 286 -17.89 -14.97 -1.26
C LYS B 286 -18.52 -16.37 -1.35
N ASP B 287 -19.06 -16.69 -2.52
CA ASP B 287 -19.50 -18.05 -2.83
C ASP B 287 -19.29 -18.31 -4.31
N PHE B 288 -18.58 -19.41 -4.59
CA PHE B 288 -18.22 -19.77 -5.96
C PHE B 288 -19.44 -19.95 -6.86
N LYS B 289 -20.51 -20.55 -6.32
CA LYS B 289 -21.71 -20.78 -7.10
C LYS B 289 -22.33 -19.46 -7.59
N ASN B 290 -22.09 -18.37 -6.87
CA ASN B 290 -22.60 -17.07 -7.31
C ASN B 290 -21.84 -16.55 -8.54
N GLN B 291 -20.61 -16.99 -8.75
CA GLN B 291 -19.89 -16.59 -9.95
C GLN B 291 -20.66 -16.77 -11.25
N PRO B 292 -21.20 -17.96 -11.60
CA PRO B 292 -21.89 -18.07 -12.88
C PRO B 292 -22.94 -16.99 -13.10
N LYS B 293 -23.79 -16.74 -12.09
CA LYS B 293 -24.95 -15.85 -12.21
C LYS B 293 -24.63 -14.43 -12.67
N VAL B 294 -23.58 -13.83 -12.16
CA VAL B 294 -23.27 -12.48 -12.58
C VAL B 294 -22.92 -12.47 -14.06
N ALA B 295 -22.40 -13.60 -14.50
CA ALA B 295 -21.99 -13.77 -15.87
C ALA B 295 -23.24 -13.48 -16.64
N LYS B 296 -24.35 -13.88 -16.07
CA LYS B 296 -25.62 -13.67 -16.71
C LYS B 296 -25.85 -12.19 -16.94
N CYS B 297 -25.45 -11.38 -15.98
CA CYS B 297 -25.75 -9.97 -16.11
C CYS B 297 -24.85 -9.33 -17.14
N ILE B 298 -23.56 -9.64 -17.08
CA ILE B 298 -22.66 -9.01 -18.01
C ILE B 298 -23.03 -9.41 -19.40
N TYR B 299 -23.18 -10.71 -19.62
CA TYR B 299 -23.58 -11.07 -20.97
C TYR B 299 -24.73 -10.20 -21.45
N ASP B 300 -25.74 -10.02 -20.61
CA ASP B 300 -26.95 -9.31 -21.01
C ASP B 300 -26.61 -7.89 -21.43
N GLN B 301 -25.70 -7.22 -20.70
CA GLN B 301 -25.33 -5.87 -21.09
C GLN B 301 -24.64 -5.87 -22.44
N LEU B 302 -23.83 -6.88 -22.71
CA LEU B 302 -23.28 -7.03 -24.05
C LEU B 302 -24.39 -7.20 -25.08
N THR B 303 -25.42 -7.99 -24.76
CA THR B 303 -26.47 -8.29 -25.73
C THR B 303 -27.19 -7.03 -26.18
N GLU B 304 -27.31 -6.06 -25.28
CA GLU B 304 -27.89 -4.77 -25.58
C GLU B 304 -26.93 -3.83 -26.29
N GLY B 305 -25.67 -4.24 -26.45
CA GLY B 305 -24.68 -3.44 -27.12
C GLY B 305 -23.69 -2.72 -26.21
N GLU B 306 -23.58 -3.11 -24.95
CA GLU B 306 -22.70 -2.42 -24.02
C GLU B 306 -21.30 -2.52 -24.62
N ASN B 307 -20.73 -1.36 -24.95
CA ASN B 307 -19.39 -1.33 -25.53
C ASN B 307 -18.33 -0.81 -24.58
N SER B 308 -18.71 -0.36 -23.40
CA SER B 308 -17.73 0.11 -22.42
C SER B 308 -16.95 -1.05 -21.84
N LEU B 309 -17.58 -2.22 -21.77
CA LEU B 309 -16.97 -3.33 -21.07
C LEU B 309 -15.78 -3.84 -21.85
N CYS B 310 -14.64 -3.88 -21.19
CA CYS B 310 -13.45 -4.44 -21.78
C CYS B 310 -13.15 -5.87 -21.32
N GLY B 311 -13.49 -6.24 -20.08
CA GLY B 311 -13.05 -7.55 -19.64
C GLY B 311 -13.74 -7.99 -18.36
N VAL B 312 -13.44 -9.23 -17.95
CA VAL B 312 -14.17 -9.95 -16.89
C VAL B 312 -13.23 -10.89 -16.13
N MET B 313 -13.37 -10.89 -14.80
CA MET B 313 -12.52 -11.70 -13.93
C MET B 313 -13.29 -12.88 -13.37
N ILE B 314 -12.67 -14.05 -13.40
CA ILE B 314 -13.35 -15.29 -13.04
C ILE B 314 -12.58 -16.22 -12.12
N GLU B 315 -13.18 -16.57 -11.00
CA GLU B 315 -12.56 -17.59 -10.15
C GLU B 315 -12.76 -19.07 -10.45
N SER B 316 -11.70 -19.71 -10.91
CA SER B 316 -11.84 -20.96 -11.63
C SER B 316 -10.73 -21.97 -11.41
N ASN B 317 -11.12 -23.23 -11.20
CA ASN B 317 -10.12 -24.27 -11.01
C ASN B 317 -10.66 -25.57 -11.58
N ILE B 318 -9.76 -26.54 -11.77
CA ILE B 318 -10.15 -27.83 -12.34
C ILE B 318 -11.34 -28.40 -11.57
N ASN B 319 -11.25 -28.41 -10.24
CA ASN B 319 -12.36 -28.78 -9.37
C ASN B 319 -12.89 -27.54 -8.66
N GLU B 320 -14.20 -27.51 -8.44
CA GLU B 320 -14.88 -26.36 -7.86
C GLU B 320 -14.71 -26.33 -6.34
N GLY B 321 -15.09 -25.19 -5.74
CA GLY B 321 -15.00 -25.02 -4.30
C GLY B 321 -13.60 -24.68 -3.86
N ARG B 322 -13.30 -25.00 -2.61
CA ARG B 322 -12.04 -24.65 -1.98
C ARG B 322 -11.69 -25.70 -0.92
N GLN B 323 -10.56 -25.50 -0.24
CA GLN B 323 -10.12 -26.48 0.76
C GLN B 323 -9.05 -25.85 1.66
N ASP B 324 -8.89 -26.45 2.85
CA ASP B 324 -7.91 -26.03 3.86
C ASP B 324 -6.66 -26.90 3.76
N ILE B 325 -5.49 -26.27 3.56
CA ILE B 325 -4.24 -27.03 3.49
C ILE B 325 -3.99 -27.72 4.82
N PRO B 326 -3.72 -29.02 4.84
CA PRO B 326 -3.68 -29.73 6.13
C PRO B 326 -2.51 -29.33 7.01
N LYS B 327 -2.75 -29.37 8.32
CA LYS B 327 -1.71 -29.17 9.32
C LYS B 327 -0.47 -30.01 9.02
N GLU B 328 -0.66 -31.08 8.27
CA GLU B 328 0.30 -32.17 8.18
C GLU B 328 0.16 -32.79 6.80
N GLY B 329 1.29 -33.06 6.16
CA GLY B 329 1.32 -33.57 4.82
C GLY B 329 1.62 -32.53 3.75
N GLY B 330 1.33 -31.26 4.00
CA GLY B 330 1.67 -30.24 3.04
C GLY B 330 0.86 -30.36 1.76
N ARG B 331 1.50 -30.01 0.63
CA ARG B 331 0.82 -30.05 -0.67
C ARG B 331 0.31 -31.44 -1.00
N GLU B 332 0.98 -32.47 -0.47
CA GLU B 332 0.59 -33.84 -0.77
C GLU B 332 -0.77 -34.19 -0.17
N GLY B 333 -1.28 -33.41 0.79
CA GLY B 333 -2.55 -33.72 1.42
C GLY B 333 -3.72 -32.97 0.84
N LEU B 334 -3.54 -32.44 -0.37
CA LEU B 334 -4.54 -31.61 -1.04
C LEU B 334 -5.17 -32.42 -2.17
N LYS B 335 -6.44 -32.13 -2.47
CA LYS B 335 -7.04 -32.74 -3.66
C LYS B 335 -6.51 -32.06 -4.92
N TYR B 336 -6.35 -32.87 -5.97
CA TYR B 336 -5.81 -32.37 -7.23
C TYR B 336 -6.77 -31.37 -7.86
N GLY B 337 -6.23 -30.28 -8.38
CA GLY B 337 -7.00 -29.27 -9.07
C GLY B 337 -8.08 -28.62 -8.23
N CYS B 338 -7.73 -28.21 -7.02
CA CYS B 338 -8.70 -27.61 -6.12
C CYS B 338 -8.02 -26.47 -5.37
N SER B 339 -8.67 -25.33 -5.45
CA SER B 339 -8.11 -24.06 -5.04
C SER B 339 -7.86 -24.02 -3.53
N VAL B 340 -6.69 -23.55 -3.11
CA VAL B 340 -6.49 -23.32 -1.70
C VAL B 340 -7.04 -21.95 -1.21
N THR B 341 -6.76 -20.93 -2.03
CA THR B 341 -7.13 -19.51 -1.81
C THR B 341 -8.57 -18.96 -1.78
N ASP B 342 -9.41 -19.36 -2.73
CA ASP B 342 -10.79 -18.86 -2.81
C ASP B 342 -11.66 -19.94 -3.41
N ALA B 343 -12.98 -19.88 -3.22
CA ALA B 343 -13.69 -20.97 -3.86
C ALA B 343 -13.91 -20.67 -5.32
N CYS B 344 -13.57 -21.64 -6.14
CA CYS B 344 -13.63 -21.53 -7.58
C CYS B 344 -14.80 -22.33 -8.10
N ILE B 345 -15.18 -22.03 -9.29
CA ILE B 345 -16.16 -22.81 -10.03
C ILE B 345 -15.41 -23.91 -10.78
N GLY B 346 -16.07 -25.05 -10.96
CA GLY B 346 -15.42 -26.18 -11.58
C GLY B 346 -15.21 -25.96 -13.06
N TRP B 347 -14.35 -26.80 -13.64
CA TRP B 347 -14.04 -26.67 -15.06
C TRP B 347 -15.31 -26.66 -15.90
N GLU B 348 -16.30 -27.44 -15.47
CA GLU B 348 -17.55 -27.55 -16.20
C GLU B 348 -18.30 -26.23 -16.23
N SER B 349 -18.52 -25.65 -15.04
CA SER B 349 -19.07 -24.30 -14.94
C SER B 349 -18.33 -23.35 -15.88
N THR B 350 -17.01 -23.49 -15.91
CA THR B 350 -16.16 -22.56 -16.64
C THR B 350 -16.42 -22.62 -18.15
N GLU B 351 -16.48 -23.84 -18.72
CA GLU B 351 -16.74 -23.95 -20.16
C GLU B 351 -18.13 -23.47 -20.55
N GLN B 352 -19.15 -23.77 -19.72
CA GLN B 352 -20.48 -23.29 -20.09
C GLN B 352 -20.50 -21.76 -20.12
N VAL B 353 -19.89 -21.11 -19.11
CA VAL B 353 -19.82 -19.64 -19.12
C VAL B 353 -19.04 -19.13 -20.34
N LEU B 354 -17.98 -19.82 -20.75
CA LEU B 354 -17.20 -19.35 -21.89
C LEU B 354 -18.00 -19.37 -23.19
N GLU B 355 -18.78 -20.44 -23.42
CA GLU B 355 -19.69 -20.46 -24.57
C GLU B 355 -20.66 -19.28 -24.51
N LEU B 356 -21.19 -19.00 -23.31
CA LEU B 356 -22.13 -17.88 -23.15
C LEU B 356 -21.50 -16.55 -23.58
N LEU B 357 -20.27 -16.30 -23.13
CA LEU B 357 -19.64 -15.01 -23.44
C LEU B 357 -19.21 -14.94 -24.90
N ALA B 358 -18.74 -16.07 -25.44
CA ALA B 358 -18.47 -16.14 -26.86
C ALA B 358 -19.67 -15.66 -27.66
N GLU B 359 -20.87 -15.98 -27.18
CA GLU B 359 -22.09 -15.54 -27.85
C GLU B 359 -22.45 -14.09 -27.55
N GLY B 360 -22.22 -13.65 -26.31
CA GLY B 360 -22.53 -12.28 -25.94
C GLY B 360 -21.78 -11.26 -26.76
N VAL B 361 -20.51 -11.56 -27.08
CA VAL B 361 -19.74 -10.66 -27.93
C VAL B 361 -20.33 -10.62 -29.34
N ARG B 362 -20.85 -11.74 -29.84
CA ARG B 362 -21.53 -11.79 -31.13
C ARG B 362 -22.79 -10.94 -31.14
N ASN B 363 -23.56 -10.98 -30.04
CA ASN B 363 -24.79 -10.20 -29.97
C ASN B 363 -24.52 -8.71 -29.86
N ARG B 364 -23.50 -8.34 -29.08
CA ARG B 364 -23.00 -6.96 -29.13
C ARG B 364 -22.62 -6.57 -30.55
N ARG B 365 -22.05 -7.51 -31.31
CA ARG B 365 -21.78 -7.26 -32.72
C ARG B 365 -23.06 -6.95 -33.49
N LYS B 366 -24.11 -7.71 -33.24
CA LYS B 366 -25.31 -7.57 -34.07
C LYS B 366 -26.11 -6.31 -33.71
N ALA B 367 -26.21 -5.96 -32.41
CA ALA B 367 -27.03 -4.81 -32.01
C ALA B 367 -26.35 -3.48 -32.32
N LEU B 368 -25.02 -3.40 -32.16
CA LEU B 368 -24.30 -2.21 -32.59
C LEU B 368 -24.21 -2.13 -34.11
N LYS B 369 -24.68 -3.14 -34.84
CA LYS B 369 -24.44 -3.31 -36.27
C LYS B 369 -22.95 -3.36 -36.59
N LYS B 370 -22.18 -3.96 -35.68
CA LYS B 370 -20.74 -4.18 -35.90
C LYS B 370 -20.48 -5.60 -36.40
#